data_9H3D
#
_entry.id   9H3D
#
_cell.length_a   51.292
_cell.length_b   91.809
_cell.length_c   99.931
_cell.angle_alpha   90.000
_cell.angle_beta   101.567
_cell.angle_gamma   90.000
#
_symmetry.space_group_name_H-M   'P 1 21 1'
#
loop_
_entity.id
_entity.type
_entity.pdbx_description
1 polymer 'DUF4183 domain-containing protein'
2 polymer 'Exosporium protein ExsF'
3 water water
#
loop_
_entity_poly.entity_id
_entity_poly.type
_entity_poly.pdbx_seq_one_letter_code
_entity_poly.pdbx_strand_id
1 'polypeptide(L)' IEPENIGPTFSALPPIYIPTG A,B,C,G,H,I
2 'polypeptide(L)'
;MHHHHHHTLPAFGFAFNASAPQFASLFTPLLLPSVSPNPNIPVPVINDTVSVGDGIRILRAGIYQISYTLTISLDNSPVA
PEAGRFFLSLGTPANIIPGSGTAVRSNVIGTGEVDVSSGVILINLNPGDLIQIVPVQLIGTVDIRAAALTVAQIS
;
D,E,F,J,K,L
#
# COMPACT_ATOMS: atom_id res chain seq x y z
N ILE A 1 -2.77 1.18 -50.38
CA ILE A 1 -4.04 0.66 -49.86
C ILE A 1 -4.72 1.71 -48.96
N GLU A 2 -6.05 1.91 -49.15
CA GLU A 2 -6.70 3.00 -48.43
C GLU A 2 -6.97 2.61 -46.98
N PRO A 3 -6.76 3.55 -46.05
CA PRO A 3 -6.94 3.21 -44.63
C PRO A 3 -8.36 2.83 -44.28
N GLU A 4 -9.34 3.31 -45.05
CA GLU A 4 -10.73 2.91 -44.83
C GLU A 4 -10.93 1.42 -45.04
N ASN A 5 -9.99 0.73 -45.68
CA ASN A 5 -10.10 -0.70 -45.91
C ASN A 5 -9.21 -1.54 -45.00
N ILE A 6 -8.52 -0.94 -44.04
CA ILE A 6 -7.66 -1.69 -43.13
C ILE A 6 -8.40 -1.86 -41.82
N GLY A 7 -8.56 -3.11 -41.39
CA GLY A 7 -9.15 -3.39 -40.10
C GLY A 7 -8.27 -3.00 -38.94
N PRO A 8 -8.88 -2.66 -37.80
CA PRO A 8 -10.32 -2.67 -37.54
C PRO A 8 -11.01 -1.40 -38.01
N THR A 9 -12.19 -1.54 -38.61
CA THR A 9 -13.08 -0.42 -38.91
C THR A 9 -14.24 -0.43 -37.93
N PHE A 10 -14.82 0.75 -37.75
CA PHE A 10 -16.02 0.89 -36.93
C PHE A 10 -17.14 0.05 -37.52
N SER A 11 -17.80 -0.73 -36.65
CA SER A 11 -18.93 -1.53 -37.10
C SER A 11 -20.15 -0.66 -37.38
N ALA A 12 -20.20 0.56 -36.85
CA ALA A 12 -21.30 1.46 -37.11
C ALA A 12 -20.82 2.87 -36.83
N LEU A 13 -21.55 3.85 -37.32
CA LEU A 13 -21.24 5.26 -37.13
C LEU A 13 -22.52 5.99 -36.74
N PRO A 14 -22.89 5.94 -35.46
CA PRO A 14 -24.15 6.55 -35.03
C PRO A 14 -24.16 8.03 -35.31
N PRO A 15 -25.35 8.64 -35.47
CA PRO A 15 -25.39 10.09 -35.72
C PRO A 15 -24.81 10.87 -34.55
N ILE A 16 -24.06 11.93 -34.88
CA ILE A 16 -23.38 12.78 -33.92
C ILE A 16 -24.36 13.75 -33.30
N TYR A 17 -24.27 13.94 -31.98
CA TYR A 17 -25.21 14.78 -31.27
C TYR A 17 -24.50 15.47 -30.11
N ILE A 18 -25.14 16.53 -29.61
CA ILE A 18 -24.62 17.29 -28.48
C ILE A 18 -25.25 16.72 -27.20
N PRO A 19 -24.49 16.02 -26.35
CA PRO A 19 -25.06 15.44 -25.13
C PRO A 19 -25.52 16.51 -24.14
N ILE B 1 8.34 12.84 -9.40
CA ILE B 1 7.05 13.43 -9.75
C ILE B 1 5.96 12.80 -8.87
N GLU B 2 5.08 13.64 -8.33
CA GLU B 2 3.99 13.12 -7.51
C GLU B 2 3.08 12.23 -8.36
N PRO B 3 2.52 11.17 -7.78
CA PRO B 3 1.68 10.24 -8.59
C PRO B 3 0.46 10.91 -9.19
N GLU B 4 -0.09 11.94 -8.53
CA GLU B 4 -1.21 12.68 -9.10
C GLU B 4 -0.83 13.43 -10.37
N ASN B 5 0.45 13.59 -10.66
CA ASN B 5 0.89 14.32 -11.83
C ASN B 5 1.55 13.45 -12.89
N ILE B 6 1.63 12.14 -12.68
CA ILE B 6 2.16 11.25 -13.70
C ILE B 6 1.00 10.76 -14.56
N GLY B 7 1.12 10.98 -15.87
CA GLY B 7 0.08 10.54 -16.78
C GLY B 7 0.07 9.04 -16.86
N PRO B 8 -1.10 8.45 -17.17
CA PRO B 8 -2.36 9.10 -17.47
C PRO B 8 -3.12 9.53 -16.24
N THR B 9 -3.64 10.75 -16.22
CA THR B 9 -4.59 11.17 -15.21
C THR B 9 -6.01 11.20 -15.78
N PHE B 10 -6.98 11.11 -14.88
CA PHE B 10 -8.38 11.24 -15.27
C PHE B 10 -8.61 12.64 -15.84
N SER B 11 -9.20 12.70 -17.04
CA SER B 11 -9.49 14.01 -17.64
C SER B 11 -10.58 14.76 -16.87
N ALA B 12 -11.42 14.06 -16.13
CA ALA B 12 -12.38 14.71 -15.24
C ALA B 12 -12.63 13.82 -14.05
N LEU B 13 -13.23 14.39 -13.01
CA LEU B 13 -13.58 13.59 -11.85
C LEU B 13 -15.09 13.35 -11.78
N ILE C 1 -9.14 -27.72 -19.85
CA ILE C 1 -9.69 -27.31 -18.57
C ILE C 1 -11.03 -26.62 -18.80
N GLU C 2 -12.05 -27.02 -18.04
CA GLU C 2 -13.35 -26.37 -18.10
C GLU C 2 -13.20 -24.87 -17.87
N PRO C 3 -13.81 -24.03 -18.70
CA PRO C 3 -13.52 -22.58 -18.59
C PRO C 3 -14.27 -21.86 -17.48
N GLU C 4 -15.27 -22.49 -16.86
CA GLU C 4 -16.19 -21.73 -16.02
C GLU C 4 -15.50 -21.13 -14.80
N ASN C 5 -14.51 -21.82 -14.23
CA ASN C 5 -13.81 -21.31 -13.05
C ASN C 5 -12.42 -20.77 -13.35
N ILE C 6 -12.04 -20.56 -14.61
CA ILE C 6 -10.75 -19.95 -14.94
C ILE C 6 -10.97 -18.45 -15.11
N GLY C 7 -10.29 -17.66 -14.30
CA GLY C 7 -10.35 -16.22 -14.40
C GLY C 7 -9.74 -15.74 -15.70
N PRO C 8 -10.20 -14.57 -16.17
CA PRO C 8 -11.27 -13.77 -15.56
C PRO C 8 -12.66 -14.34 -15.83
N THR C 9 -13.56 -14.33 -14.84
CA THR C 9 -14.96 -14.61 -15.05
C THR C 9 -15.77 -13.33 -14.98
N PHE C 10 -16.97 -13.35 -15.55
CA PHE C 10 -17.88 -12.24 -15.38
C PHE C 10 -18.29 -12.16 -13.92
N SER C 11 -18.25 -10.95 -13.33
CA SER C 11 -18.71 -10.82 -11.95
C SER C 11 -20.22 -10.88 -11.86
N ALA C 12 -20.92 -10.53 -12.93
CA ALA C 12 -22.36 -10.69 -13.04
C ALA C 12 -22.68 -10.94 -14.50
N LEU C 13 -23.88 -11.43 -14.76
CA LEU C 13 -24.28 -11.65 -16.15
C LEU C 13 -25.78 -11.57 -16.32
N PRO C 14 -26.30 -10.50 -16.91
CA PRO C 14 -27.75 -10.37 -17.10
C PRO C 14 -28.28 -11.41 -18.06
N PRO C 15 -29.51 -11.87 -17.86
CA PRO C 15 -30.19 -12.67 -18.90
C PRO C 15 -30.42 -11.86 -20.16
N ILE C 16 -30.49 -12.55 -21.29
CA ILE C 16 -30.76 -11.89 -22.56
C ILE C 16 -32.06 -11.12 -22.47
N TYR C 17 -32.04 -9.86 -22.92
CA TYR C 17 -33.26 -9.05 -22.98
C TYR C 17 -33.17 -8.06 -24.14
N ILE C 18 -34.34 -7.56 -24.53
CA ILE C 18 -34.46 -6.44 -25.46
C ILE C 18 -34.66 -5.18 -24.63
N PRO C 19 -33.78 -4.19 -24.70
CA PRO C 19 -33.97 -2.97 -23.91
C PRO C 19 -35.20 -2.18 -24.37
N THR C 20 -35.91 -1.61 -23.41
CA THR C 20 -37.12 -0.83 -23.67
C THR C 20 -37.05 0.54 -23.00
N THR D 8 23.32 -17.30 -19.58
CA THR D 8 23.10 -18.12 -20.77
C THR D 8 21.74 -17.83 -21.42
N LEU D 9 20.67 -18.41 -20.86
CA LEU D 9 19.32 -18.02 -21.21
C LEU D 9 19.00 -16.68 -20.57
N PRO D 10 18.14 -15.87 -21.18
CA PRO D 10 17.76 -14.59 -20.55
C PRO D 10 16.95 -14.82 -19.29
N ALA D 11 17.03 -13.85 -18.38
CA ALA D 11 16.22 -13.94 -17.17
C ALA D 11 14.78 -13.59 -17.50
N PHE D 12 13.85 -14.26 -16.83
CA PHE D 12 12.44 -13.96 -17.06
C PHE D 12 11.61 -14.46 -15.88
N GLY D 13 10.38 -13.96 -15.83
CA GLY D 13 9.36 -14.43 -14.92
C GLY D 13 7.97 -14.08 -15.40
N PHE D 14 7.01 -14.97 -15.16
CA PHE D 14 5.60 -14.72 -15.49
C PHE D 14 4.75 -15.13 -14.29
N ALA D 15 3.97 -14.19 -13.76
CA ALA D 15 3.12 -14.45 -12.61
C ALA D 15 1.71 -13.92 -12.89
N PHE D 16 0.70 -14.74 -12.58
CA PHE D 16 -0.64 -14.36 -13.00
C PHE D 16 -1.64 -14.82 -11.96
N ASN D 17 -2.82 -14.22 -12.02
CA ASN D 17 -3.95 -14.63 -11.21
C ASN D 17 -5.10 -14.99 -12.14
N ALA D 18 -5.41 -16.30 -12.22
CA ALA D 18 -6.61 -16.79 -12.87
C ALA D 18 -7.44 -17.62 -11.91
N SER D 19 -7.28 -17.41 -10.60
CA SER D 19 -7.96 -18.25 -9.63
C SER D 19 -8.91 -17.51 -8.71
N ALA D 20 -8.75 -16.21 -8.51
CA ALA D 20 -9.74 -15.55 -7.67
C ALA D 20 -9.74 -14.08 -8.00
N PRO D 21 -10.90 -13.43 -8.12
CA PRO D 21 -10.92 -11.98 -8.25
C PRO D 21 -10.40 -11.35 -6.98
N GLN D 22 -10.00 -10.08 -7.09
CA GLN D 22 -9.52 -9.35 -5.94
C GLN D 22 -9.96 -7.89 -6.09
N PHE D 23 -10.31 -7.28 -4.97
CA PHE D 23 -10.61 -5.87 -4.97
C PHE D 23 -9.31 -5.07 -4.87
N ALA D 24 -9.19 -4.06 -5.71
CA ALA D 24 -7.98 -3.23 -5.70
C ALA D 24 -7.94 -2.40 -4.42
N SER D 25 -6.75 -2.24 -3.88
CA SER D 25 -6.55 -1.47 -2.67
C SER D 25 -5.37 -0.54 -2.92
N LEU D 26 -5.53 0.72 -2.53
CA LEU D 26 -4.57 1.76 -2.89
C LEU D 26 -3.15 1.36 -2.54
N PHE D 27 -2.25 1.45 -3.53
CA PHE D 27 -0.83 1.14 -3.40
C PHE D 27 -0.56 -0.22 -2.78
N THR D 28 -1.50 -1.15 -2.90
CA THR D 28 -1.30 -2.52 -2.45
C THR D 28 -1.03 -3.41 -3.64
N PRO D 29 0.14 -4.08 -3.72
CA PRO D 29 0.44 -4.89 -4.91
C PRO D 29 -0.61 -5.95 -5.16
N LEU D 30 -0.88 -6.22 -6.44
CA LEU D 30 -1.91 -7.17 -6.81
C LEU D 30 -1.41 -8.59 -6.62
N LEU D 31 -2.31 -9.48 -6.18
CA LEU D 31 -1.95 -10.86 -5.91
C LEU D 31 -1.80 -11.63 -7.22
N LEU D 32 -0.67 -12.30 -7.37
CA LEU D 32 -0.31 -13.01 -8.59
C LEU D 32 0.26 -14.36 -8.17
N PRO D 33 -0.60 -15.32 -7.84
CA PRO D 33 -0.12 -16.56 -7.22
C PRO D 33 0.42 -17.60 -8.19
N SER D 34 0.21 -17.49 -9.48
CA SER D 34 0.53 -18.60 -10.36
C SER D 34 1.68 -18.27 -11.31
N VAL D 35 2.49 -19.28 -11.61
CA VAL D 35 3.66 -19.11 -12.47
C VAL D 35 3.74 -20.15 -13.57
N SER D 36 2.73 -21.02 -13.71
CA SER D 36 2.77 -22.15 -14.64
C SER D 36 1.52 -22.12 -15.52
N PRO D 37 1.60 -21.45 -16.67
CA PRO D 37 0.40 -21.30 -17.52
C PRO D 37 0.15 -22.46 -18.47
N ASN D 38 1.11 -23.34 -18.68
CA ASN D 38 0.95 -24.43 -19.66
C ASN D 38 -0.06 -25.43 -19.12
N PRO D 39 -1.20 -25.65 -19.79
CA PRO D 39 -2.22 -26.54 -19.23
C PRO D 39 -1.88 -28.03 -19.30
N ASN D 40 -0.95 -28.45 -20.16
CA ASN D 40 -0.59 -29.85 -20.27
C ASN D 40 0.65 -30.20 -19.46
N ILE D 41 1.63 -29.31 -19.47
CA ILE D 41 2.96 -29.51 -18.91
C ILE D 41 3.28 -28.28 -18.09
N PRO D 42 2.52 -27.98 -17.03
CA PRO D 42 2.81 -26.78 -16.25
C PRO D 42 4.15 -26.91 -15.55
N VAL D 43 4.92 -25.82 -15.58
CA VAL D 43 6.19 -25.76 -14.89
C VAL D 43 6.47 -24.28 -14.64
N PRO D 44 7.04 -23.89 -13.52
CA PRO D 44 7.31 -22.46 -13.28
C PRO D 44 8.09 -21.81 -14.40
N VAL D 45 7.52 -20.77 -15.01
CA VAL D 45 8.20 -20.10 -16.11
C VAL D 45 9.02 -18.99 -15.48
N ILE D 46 10.10 -19.39 -14.83
CA ILE D 46 10.89 -18.57 -13.94
C ILE D 46 12.35 -18.90 -14.22
N ASN D 47 13.14 -17.88 -14.56
CA ASN D 47 14.57 -18.09 -14.74
C ASN D 47 15.32 -16.88 -14.21
N ASP D 48 16.09 -17.08 -13.14
CA ASP D 48 16.84 -16.00 -12.53
C ASP D 48 15.95 -14.83 -12.14
N THR D 49 14.70 -15.11 -11.76
CA THR D 49 13.85 -14.15 -11.06
C THR D 49 13.17 -14.89 -9.92
N VAL D 50 12.42 -14.17 -9.09
CA VAL D 50 11.69 -14.80 -8.00
C VAL D 50 10.27 -14.24 -7.98
N SER D 51 9.28 -15.12 -8.06
CA SER D 51 7.90 -14.72 -7.89
C SER D 51 7.58 -14.78 -6.41
N VAL D 52 7.20 -13.65 -5.83
CA VAL D 52 7.01 -13.55 -4.39
C VAL D 52 5.54 -13.66 -3.98
N GLY D 53 4.62 -13.76 -4.94
CA GLY D 53 3.20 -13.89 -4.64
C GLY D 53 2.39 -12.67 -5.02
N ASP D 54 3.02 -11.50 -5.01
CA ASP D 54 2.44 -10.27 -5.53
C ASP D 54 3.49 -9.50 -6.31
N GLY D 55 4.35 -10.20 -7.02
CA GLY D 55 5.30 -9.53 -7.88
C GLY D 55 6.44 -10.46 -8.24
N ILE D 56 7.39 -9.88 -8.97
CA ILE D 56 8.55 -10.62 -9.46
C ILE D 56 9.81 -9.85 -9.08
N ARG D 57 10.75 -10.50 -8.40
CA ARG D 57 11.99 -9.85 -8.00
C ARG D 57 13.08 -10.13 -9.01
N ILE D 58 13.78 -9.09 -9.42
CA ILE D 58 14.92 -9.20 -10.32
C ILE D 58 16.14 -9.72 -9.56
N LEU D 59 16.88 -10.63 -10.17
CA LEU D 59 18.16 -11.10 -9.63
C LEU D 59 19.35 -10.75 -10.49
N ARG D 60 19.14 -10.26 -11.72
CA ARG D 60 20.19 -10.12 -12.71
C ARG D 60 20.07 -8.74 -13.37
N ALA D 61 21.12 -7.94 -13.28
CA ALA D 61 21.11 -6.61 -13.88
C ALA D 61 20.92 -6.70 -15.39
N GLY D 62 20.20 -5.75 -15.96
CA GLY D 62 19.99 -5.77 -17.39
C GLY D 62 18.79 -4.95 -17.82
N ILE D 63 18.52 -5.02 -19.12
CA ILE D 63 17.40 -4.32 -19.75
C ILE D 63 16.29 -5.34 -19.92
N TYR D 64 15.09 -4.97 -19.49
CA TYR D 64 13.96 -5.88 -19.42
C TYR D 64 12.77 -5.30 -20.16
N GLN D 65 11.94 -6.17 -20.69
CA GLN D 65 10.58 -5.78 -21.00
C GLN D 65 9.71 -6.21 -19.83
N ILE D 66 8.95 -5.26 -19.27
CA ILE D 66 8.01 -5.54 -18.21
C ILE D 66 6.64 -5.00 -18.60
N SER D 67 5.58 -5.75 -18.26
CA SER D 67 4.25 -5.33 -18.66
C SER D 67 3.22 -6.09 -17.84
N TYR D 68 1.99 -5.63 -17.90
CA TYR D 68 0.92 -6.29 -17.17
C TYR D 68 -0.39 -6.21 -17.95
N THR D 69 -1.32 -7.10 -17.57
CA THR D 69 -2.68 -7.06 -18.03
C THR D 69 -3.61 -7.15 -16.82
N LEU D 70 -4.75 -6.48 -16.92
CA LEU D 70 -5.81 -6.51 -15.92
C LEU D 70 -7.16 -6.69 -16.59
N THR D 71 -8.06 -7.43 -15.94
CA THR D 71 -9.48 -7.47 -16.30
C THR D 71 -10.25 -6.86 -15.14
N ILE D 72 -11.01 -5.80 -15.42
CA ILE D 72 -11.56 -4.95 -14.38
C ILE D 72 -13.07 -4.87 -14.55
N SER D 73 -13.79 -5.10 -13.46
CA SER D 73 -15.23 -4.93 -13.43
C SER D 73 -15.55 -3.69 -12.60
N LEU D 74 -16.42 -2.83 -13.13
CA LEU D 74 -16.75 -1.55 -12.55
C LEU D 74 -18.24 -1.47 -12.18
N ASP D 75 -18.77 -2.52 -11.59
CA ASP D 75 -20.20 -2.62 -11.27
C ASP D 75 -20.42 -2.90 -9.78
N ASN D 76 -19.61 -2.29 -8.92
CA ASN D 76 -19.51 -2.64 -7.51
C ASN D 76 -20.19 -1.62 -6.60
N SER D 77 -20.93 -0.67 -7.13
CA SER D 77 -21.55 0.36 -6.30
C SER D 77 -22.92 0.71 -6.86
N PRO D 78 -23.86 1.11 -5.99
CA PRO D 78 -25.14 1.63 -6.47
C PRO D 78 -25.17 3.14 -6.66
N VAL D 79 -24.15 3.87 -6.25
CA VAL D 79 -24.21 5.33 -6.33
C VAL D 79 -22.93 5.95 -6.86
N ALA D 80 -21.78 5.28 -6.81
CA ALA D 80 -20.52 5.92 -7.19
C ALA D 80 -19.95 5.26 -8.43
N PRO D 81 -19.93 5.94 -9.57
CA PRO D 81 -19.20 5.43 -10.74
C PRO D 81 -17.72 5.25 -10.42
N GLU D 82 -17.12 4.21 -10.98
CA GLU D 82 -15.85 3.69 -10.50
C GLU D 82 -14.72 3.90 -11.50
N ALA D 83 -13.49 3.96 -10.99
CA ALA D 83 -12.33 4.30 -11.82
C ALA D 83 -11.06 3.86 -11.11
N GLY D 84 -10.00 3.67 -11.89
CA GLY D 84 -8.71 3.30 -11.33
C GLY D 84 -7.57 3.71 -12.23
N ARG D 85 -6.45 4.04 -11.61
CA ARG D 85 -5.18 4.29 -12.28
C ARG D 85 -4.15 3.29 -11.75
N PHE D 86 -3.45 2.62 -12.66
CA PHE D 86 -2.52 1.55 -12.29
C PHE D 86 -1.15 1.82 -12.90
N PHE D 87 -0.13 1.41 -12.17
CA PHE D 87 1.26 1.54 -12.60
C PHE D 87 1.99 0.27 -12.18
N LEU D 88 3.14 0.07 -12.78
CA LEU D 88 4.14 -0.82 -12.20
C LEU D 88 5.00 -0.02 -11.22
N SER D 89 5.38 -0.66 -10.11
CA SER D 89 6.25 -0.05 -9.14
C SER D 89 7.58 -0.79 -9.09
N LEU D 90 8.61 -0.05 -8.66
CA LEU D 90 9.97 -0.55 -8.58
C LEU D 90 10.40 -0.50 -7.11
N GLY D 91 10.61 -1.66 -6.51
CA GLY D 91 11.05 -1.67 -5.13
C GLY D 91 9.92 -1.55 -4.13
N THR D 92 9.26 -0.40 -4.08
CA THR D 92 8.11 -0.21 -3.20
C THR D 92 6.93 0.33 -3.99
N PRO D 93 5.70 0.11 -3.51
CA PRO D 93 4.52 0.55 -4.26
C PRO D 93 4.52 2.03 -4.61
N ALA D 94 5.07 2.89 -3.77
CA ALA D 94 4.99 4.31 -4.10
C ALA D 94 5.94 4.67 -5.24
N ASN D 95 6.93 3.83 -5.52
CA ASN D 95 8.00 4.19 -6.47
C ASN D 95 7.62 3.71 -7.88
N ILE D 96 6.67 4.45 -8.48
CA ILE D 96 6.03 3.98 -9.71
C ILE D 96 6.85 4.40 -10.93
N ILE D 97 6.68 3.62 -12.00
CA ILE D 97 7.50 3.73 -13.19
C ILE D 97 6.74 4.56 -14.23
N PRO D 98 7.18 5.77 -14.54
CA PRO D 98 6.51 6.56 -15.59
C PRO D 98 6.58 5.81 -16.92
N GLY D 99 5.46 5.85 -17.66
CA GLY D 99 5.31 5.06 -18.86
C GLY D 99 4.59 3.74 -18.67
N SER D 100 4.47 3.27 -17.43
CA SER D 100 3.75 2.04 -17.13
C SER D 100 2.29 2.29 -16.73
N GLY D 101 1.83 3.52 -16.80
CA GLY D 101 0.54 3.86 -16.28
C GLY D 101 -0.59 3.48 -17.21
N THR D 102 -1.71 3.11 -16.60
CA THR D 102 -2.97 2.90 -17.31
C THR D 102 -4.09 3.49 -16.47
N ALA D 103 -5.23 3.69 -17.13
CA ALA D 103 -6.38 4.26 -16.47
C ALA D 103 -7.62 3.72 -17.14
N VAL D 104 -8.66 3.62 -16.33
CA VAL D 104 -9.97 3.17 -16.77
C VAL D 104 -10.96 3.88 -15.86
N ARG D 105 -12.00 4.49 -16.45
CA ARG D 105 -12.98 5.24 -15.67
C ARG D 105 -14.35 5.17 -16.31
N SER D 106 -15.36 4.85 -15.51
CA SER D 106 -16.74 4.85 -15.96
C SER D 106 -17.52 5.92 -15.22
N ASN D 107 -18.33 6.68 -15.96
CA ASN D 107 -19.15 7.72 -15.36
C ASN D 107 -20.53 7.22 -14.95
N VAL D 108 -20.80 5.93 -15.08
CA VAL D 108 -22.09 5.36 -14.72
C VAL D 108 -21.86 4.13 -13.86
N ILE D 109 -22.87 3.80 -13.04
CA ILE D 109 -22.81 2.58 -12.26
C ILE D 109 -23.13 1.39 -13.15
N GLY D 110 -22.70 0.20 -12.72
CA GLY D 110 -23.08 -1.02 -13.42
C GLY D 110 -22.34 -1.32 -14.70
N THR D 111 -21.07 -0.93 -14.79
CA THR D 111 -20.25 -1.20 -15.96
C THR D 111 -19.56 -2.55 -15.81
N GLY D 112 -19.72 -3.43 -16.79
CA GLY D 112 -19.09 -4.74 -16.75
C GLY D 112 -17.61 -4.69 -17.06
N GLU D 113 -17.06 -5.88 -17.29
CA GLU D 113 -15.62 -6.04 -17.47
C GLU D 113 -15.07 -5.21 -18.62
N VAL D 114 -13.93 -4.58 -18.37
CA VAL D 114 -13.14 -3.89 -19.38
C VAL D 114 -11.72 -4.43 -19.28
N ASP D 115 -10.97 -4.28 -20.37
CA ASP D 115 -9.60 -4.80 -20.45
C ASP D 115 -8.60 -3.66 -20.37
N VAL D 116 -7.52 -3.91 -19.62
CA VAL D 116 -6.35 -3.04 -19.51
C VAL D 116 -5.12 -3.85 -19.89
N SER D 117 -4.21 -3.23 -20.65
CA SER D 117 -2.85 -3.75 -20.79
C SER D 117 -1.89 -2.58 -20.79
N SER D 118 -0.79 -2.70 -20.05
CA SER D 118 0.23 -1.66 -20.10
C SER D 118 0.97 -1.75 -21.42
N GLY D 119 1.81 -0.76 -21.68
CA GLY D 119 2.77 -0.92 -22.74
C GLY D 119 3.77 -2.01 -22.42
N VAL D 120 4.54 -2.39 -23.44
CA VAL D 120 5.71 -3.24 -23.22
C VAL D 120 6.83 -2.30 -22.81
N ILE D 121 7.06 -2.18 -21.51
CA ILE D 121 7.95 -1.15 -20.98
C ILE D 121 9.37 -1.68 -20.99
N LEU D 122 10.29 -0.98 -21.66
CA LEU D 122 11.69 -1.38 -21.67
C LEU D 122 12.40 -0.56 -20.60
N ILE D 123 13.19 -1.21 -19.77
CA ILE D 123 13.72 -0.51 -18.59
C ILE D 123 14.96 -1.24 -18.08
N ASN D 124 15.91 -0.46 -17.56
CA ASN D 124 17.05 -0.98 -16.83
C ASN D 124 16.65 -1.35 -15.41
N LEU D 125 16.94 -2.60 -15.02
CA LEU D 125 16.62 -3.12 -13.71
C LEU D 125 17.89 -3.70 -13.09
N ASN D 126 17.86 -3.81 -11.77
CA ASN D 126 19.02 -4.17 -10.96
C ASN D 126 18.64 -5.23 -9.94
N PRO D 127 19.61 -6.05 -9.52
CA PRO D 127 19.33 -7.12 -8.54
C PRO D 127 18.60 -6.58 -7.33
N GLY D 128 17.59 -7.33 -6.89
CA GLY D 128 16.76 -6.92 -5.78
C GLY D 128 15.55 -6.09 -6.14
N ASP D 129 15.48 -5.56 -7.37
CA ASP D 129 14.32 -4.80 -7.80
C ASP D 129 13.08 -5.68 -7.78
N LEU D 130 12.05 -5.23 -7.09
CA LEU D 130 10.79 -5.94 -6.99
C LEU D 130 9.75 -5.20 -7.83
N ILE D 131 9.27 -5.84 -8.90
CA ILE D 131 8.29 -5.22 -9.78
C ILE D 131 6.90 -5.74 -9.42
N GLN D 132 5.98 -4.81 -9.20
CA GLN D 132 4.62 -5.12 -8.75
C GLN D 132 3.63 -4.20 -9.47
N ILE D 133 2.38 -4.66 -9.57
CA ILE D 133 1.29 -3.87 -10.14
C ILE D 133 0.56 -3.20 -9.00
N VAL D 134 0.48 -1.87 -9.03
CA VAL D 134 -0.13 -1.15 -7.91
C VAL D 134 -1.21 -0.21 -8.42
N PRO D 135 -2.38 -0.18 -7.78
CA PRO D 135 -3.32 0.94 -7.98
C PRO D 135 -2.78 2.19 -7.31
N VAL D 136 -2.72 3.28 -8.05
CA VAL D 136 -2.30 4.56 -7.47
C VAL D 136 -3.45 5.52 -7.27
N GLN D 137 -4.62 5.24 -7.82
CA GLN D 137 -5.77 6.08 -7.54
C GLN D 137 -7.01 5.27 -7.85
N LEU D 138 -7.98 5.30 -6.94
CA LEU D 138 -9.19 4.50 -7.05
C LEU D 138 -10.39 5.37 -6.73
N ILE D 139 -11.38 5.33 -7.60
CA ILE D 139 -12.64 6.02 -7.35
C ILE D 139 -13.64 4.93 -7.02
N GLY D 140 -13.97 4.79 -5.74
CA GLY D 140 -14.83 3.70 -5.34
C GLY D 140 -14.10 2.36 -5.39
N THR D 141 -14.91 1.31 -5.52
CA THR D 141 -14.44 -0.06 -5.43
C THR D 141 -14.19 -0.60 -6.83
N VAL D 142 -13.01 -1.18 -7.04
CA VAL D 142 -12.58 -1.68 -8.34
C VAL D 142 -12.25 -3.16 -8.21
N ASP D 143 -12.93 -4.00 -9.00
CA ASP D 143 -12.81 -5.46 -8.91
C ASP D 143 -11.86 -5.94 -10.00
N ILE D 144 -10.73 -6.50 -9.60
CA ILE D 144 -9.73 -7.00 -10.53
C ILE D 144 -10.06 -8.46 -10.76
N ARG D 145 -10.68 -8.76 -11.91
CA ARG D 145 -11.12 -10.12 -12.16
C ARG D 145 -9.95 -11.06 -12.45
N ALA D 146 -8.89 -10.53 -13.08
CA ALA D 146 -7.68 -11.30 -13.35
C ALA D 146 -6.56 -10.33 -13.69
N ALA D 147 -5.34 -10.81 -13.58
CA ALA D 147 -4.15 -9.99 -13.77
C ALA D 147 -2.98 -10.89 -14.10
N ALA D 148 -1.96 -10.28 -14.71
CA ALA D 148 -0.73 -10.98 -15.06
C ALA D 148 0.39 -9.96 -15.22
N LEU D 149 1.59 -10.37 -14.79
CA LEU D 149 2.77 -9.54 -14.81
C LEU D 149 3.86 -10.30 -15.55
N THR D 150 4.52 -9.64 -16.51
CA THR D 150 5.54 -10.29 -17.33
C THR D 150 6.88 -9.56 -17.21
N VAL D 151 7.95 -10.33 -16.99
CA VAL D 151 9.32 -9.80 -16.92
C VAL D 151 10.18 -10.64 -17.87
N ALA D 152 10.83 -9.98 -18.82
CA ALA D 152 11.72 -10.71 -19.72
C ALA D 152 12.92 -9.86 -20.08
N GLN D 153 14.10 -10.46 -19.95
CA GLN D 153 15.35 -9.75 -20.19
C GLN D 153 15.58 -9.61 -21.69
N ILE D 154 15.87 -8.38 -22.12
CA ILE D 154 16.20 -8.06 -23.50
C ILE D 154 17.71 -7.99 -23.72
N SER D 155 18.43 -7.36 -22.79
CA SER D 155 19.88 -7.15 -22.84
C SER D 155 20.48 -7.21 -21.44
N LEU E 9 24.19 -7.20 -28.96
CA LEU E 9 23.07 -6.56 -28.26
C LEU E 9 21.98 -6.11 -29.22
N PRO E 10 20.73 -6.44 -28.91
CA PRO E 10 19.63 -6.06 -29.80
C PRO E 10 19.45 -4.55 -29.84
N ALA E 11 19.00 -4.06 -30.99
CA ALA E 11 18.51 -2.69 -31.05
C ALA E 11 17.16 -2.59 -30.35
N PHE E 12 16.91 -1.46 -29.70
CA PHE E 12 15.62 -1.25 -29.06
C PHE E 12 15.46 0.24 -28.78
N GLY E 13 14.22 0.61 -28.48
CA GLY E 13 13.83 1.96 -28.12
C GLY E 13 12.48 1.96 -27.42
N PHE E 14 12.31 2.82 -26.42
CA PHE E 14 11.04 2.98 -25.71
C PHE E 14 10.81 4.46 -25.53
N ALA E 15 9.73 4.98 -26.09
CA ALA E 15 9.38 6.39 -25.99
C ALA E 15 7.95 6.50 -25.50
N PHE E 16 7.71 7.42 -24.55
CA PHE E 16 6.38 7.49 -23.95
C PHE E 16 6.04 8.94 -23.63
N ASN E 17 4.76 9.17 -23.37
CA ASN E 17 4.27 10.45 -22.87
C ASN E 17 3.55 10.17 -21.54
N ALA E 18 4.14 10.61 -20.43
CA ALA E 18 3.46 10.59 -19.14
C ALA E 18 3.37 12.00 -18.55
N SER E 19 3.58 13.03 -19.36
CA SER E 19 3.69 14.39 -18.86
C SER E 19 2.61 15.35 -19.35
N ALA E 20 1.93 15.06 -20.46
CA ALA E 20 0.82 15.92 -20.86
C ALA E 20 -0.18 15.14 -21.69
N PRO E 21 -1.47 15.37 -21.50
CA PRO E 21 -2.45 14.79 -22.43
C PRO E 21 -2.34 15.49 -23.77
N GLN E 22 -2.93 14.88 -24.79
CA GLN E 22 -2.90 15.43 -26.14
C GLN E 22 -4.15 14.95 -26.87
N PHE E 23 -4.85 15.89 -27.50
CA PHE E 23 -5.98 15.52 -28.34
C PHE E 23 -5.49 14.80 -29.59
N ALA E 24 -6.19 13.74 -29.98
CA ALA E 24 -5.81 13.05 -31.20
C ALA E 24 -6.16 13.89 -32.42
N SER E 25 -5.27 13.88 -33.42
CA SER E 25 -5.48 14.55 -34.69
C SER E 25 -5.17 13.61 -35.83
N LEU E 26 -5.96 13.70 -36.90
CA LEU E 26 -5.83 12.77 -38.02
C LEU E 26 -4.43 12.78 -38.59
N PHE E 27 -3.85 11.58 -38.73
CA PHE E 27 -2.56 11.37 -39.37
C PHE E 27 -1.48 12.27 -38.77
N THR E 28 -1.62 12.57 -37.47
CA THR E 28 -0.66 13.36 -36.73
C THR E 28 0.01 12.48 -35.69
N PRO E 29 1.29 12.14 -35.87
CA PRO E 29 2.00 11.31 -34.89
C PRO E 29 1.86 11.84 -33.48
N LEU E 30 1.59 10.92 -32.55
CA LEU E 30 1.48 11.29 -31.14
C LEU E 30 2.83 11.68 -30.55
N LEU E 31 2.80 12.67 -29.67
CA LEU E 31 4.01 13.15 -29.01
C LEU E 31 4.45 12.16 -27.95
N LEU E 32 5.72 11.74 -28.02
CA LEU E 32 6.32 10.79 -27.08
C LEU E 32 7.67 11.37 -26.64
N PRO E 33 7.67 12.24 -25.63
CA PRO E 33 8.89 13.01 -25.34
C PRO E 33 9.91 12.34 -24.42
N SER E 34 9.58 11.24 -23.75
CA SER E 34 10.41 10.68 -22.71
C SER E 34 10.94 9.31 -23.12
N VAL E 35 12.17 9.00 -22.69
CA VAL E 35 12.75 7.70 -22.99
C VAL E 35 13.38 7.07 -21.74
N SER E 36 13.15 7.64 -20.55
CA SER E 36 13.79 7.19 -19.31
C SER E 36 12.76 6.78 -18.27
N PRO E 37 12.28 5.53 -18.28
CA PRO E 37 11.24 5.13 -17.33
C PRO E 37 11.73 4.80 -15.93
N ASN E 38 13.00 4.46 -15.73
CA ASN E 38 13.44 4.11 -14.37
C ASN E 38 13.46 5.35 -13.49
N PRO E 39 12.62 5.43 -12.45
CA PRO E 39 12.60 6.64 -11.63
C PRO E 39 13.82 6.81 -10.74
N ASN E 40 14.55 5.74 -10.43
CA ASN E 40 15.69 5.85 -9.51
C ASN E 40 17.01 6.05 -10.23
N ILE E 41 17.21 5.34 -11.34
CA ILE E 41 18.44 5.44 -12.12
C ILE E 41 18.02 5.76 -13.55
N PRO E 42 17.69 7.01 -13.84
CA PRO E 42 17.17 7.38 -15.16
C PRO E 42 18.24 7.23 -16.23
N VAL E 43 17.95 6.40 -17.23
CA VAL E 43 18.78 6.32 -18.43
C VAL E 43 17.89 6.21 -19.67
N PRO E 44 18.36 6.76 -20.79
CA PRO E 44 17.59 6.62 -22.04
C PRO E 44 17.55 5.15 -22.46
N VAL E 45 16.35 4.59 -22.54
CA VAL E 45 16.27 3.19 -22.93
C VAL E 45 16.21 3.16 -24.44
N ILE E 46 17.37 3.42 -25.06
CA ILE E 46 17.54 3.62 -26.49
C ILE E 46 18.88 2.97 -26.87
N ASN E 47 18.83 1.94 -27.71
CA ASN E 47 20.05 1.32 -28.21
C ASN E 47 19.95 1.14 -29.72
N ASP E 48 20.81 1.84 -30.47
CA ASP E 48 20.84 1.73 -31.93
C ASP E 48 19.48 2.02 -32.55
N THR E 49 18.68 2.86 -31.91
CA THR E 49 17.54 3.52 -32.52
C THR E 49 17.62 4.99 -32.13
N VAL E 50 16.70 5.80 -32.65
CA VAL E 50 16.64 7.22 -32.36
C VAL E 50 15.21 7.59 -32.03
N SER E 51 15.00 8.22 -30.87
CA SER E 51 13.68 8.76 -30.56
C SER E 51 13.61 10.20 -31.03
N VAL E 52 12.69 10.49 -31.95
CA VAL E 52 12.65 11.80 -32.60
C VAL E 52 11.63 12.73 -31.98
N GLY E 53 10.97 12.33 -30.89
CA GLY E 53 10.02 13.17 -30.21
C GLY E 53 8.58 12.79 -30.47
N ASP E 54 8.28 12.27 -31.67
CA ASP E 54 6.97 11.69 -31.97
C ASP E 54 7.13 10.34 -32.66
N GLY E 55 8.15 9.58 -32.28
CA GLY E 55 8.36 8.26 -32.84
C GLY E 55 9.79 7.80 -32.67
N ILE E 56 10.04 6.57 -33.14
CA ILE E 56 11.35 5.93 -33.04
C ILE E 56 11.83 5.53 -34.43
N ARG E 57 13.06 5.91 -34.77
CA ARG E 57 13.66 5.59 -36.07
C ARG E 57 14.59 4.37 -35.96
N ILE E 58 14.51 3.49 -36.94
CA ILE E 58 15.32 2.27 -36.99
C ILE E 58 16.67 2.59 -37.63
N LEU E 59 17.75 2.07 -37.05
CA LEU E 59 19.08 2.21 -37.63
C LEU E 59 19.64 0.89 -38.13
N ARG E 60 19.02 -0.24 -37.78
CA ARG E 60 19.59 -1.56 -38.02
C ARG E 60 18.51 -2.47 -38.58
N ALA E 61 18.79 -3.12 -39.70
CA ALA E 61 17.82 -4.04 -40.29
C ALA E 61 17.64 -5.26 -39.38
N GLY E 62 16.42 -5.78 -39.35
CA GLY E 62 16.16 -6.94 -38.52
C GLY E 62 14.67 -7.12 -38.31
N ILE E 63 14.36 -8.19 -37.58
CA ILE E 63 12.99 -8.45 -37.13
C ILE E 63 12.81 -7.76 -35.79
N TYR E 64 11.77 -6.94 -35.69
CA TYR E 64 11.45 -6.24 -34.45
C TYR E 64 10.05 -6.62 -33.96
N GLN E 65 9.86 -6.54 -32.65
CA GLN E 65 8.53 -6.39 -32.10
C GLN E 65 8.28 -4.91 -31.90
N ILE E 66 7.16 -4.41 -32.41
CA ILE E 66 6.77 -3.02 -32.22
C ILE E 66 5.35 -3.02 -31.69
N SER E 67 5.05 -2.13 -30.75
CA SER E 67 3.73 -2.12 -30.13
C SER E 67 3.50 -0.77 -29.48
N TYR E 68 2.25 -0.51 -29.11
CA TYR E 68 1.92 0.73 -28.42
C TYR E 68 0.77 0.51 -27.44
N THR E 69 0.70 1.41 -26.45
CA THR E 69 -0.42 1.52 -25.52
C THR E 69 -0.95 2.94 -25.60
N LEU E 70 -2.27 3.08 -25.44
CA LEU E 70 -2.91 4.39 -25.32
C LEU E 70 -3.87 4.38 -24.13
N THR E 71 -3.89 5.47 -23.39
CA THR E 71 -4.97 5.75 -22.45
C THR E 71 -5.79 6.91 -23.01
N ILE E 72 -7.06 6.64 -23.28
CA ILE E 72 -7.92 7.51 -24.08
C ILE E 72 -9.14 7.91 -23.26
N SER E 73 -9.33 9.22 -23.08
CA SER E 73 -10.55 9.71 -22.47
C SER E 73 -11.60 9.95 -23.56
N LEU E 74 -12.78 9.36 -23.38
CA LEU E 74 -13.89 9.52 -24.31
C LEU E 74 -14.98 10.42 -23.76
N ASP E 75 -14.66 11.27 -22.76
CA ASP E 75 -15.67 12.19 -22.26
C ASP E 75 -15.11 13.61 -22.16
N ASN E 76 -14.13 13.94 -23.01
CA ASN E 76 -13.62 15.30 -23.08
C ASN E 76 -14.02 15.92 -24.42
N SER E 77 -15.27 15.75 -24.81
CA SER E 77 -15.74 16.01 -26.17
C SER E 77 -17.08 16.74 -26.13
N PRO E 78 -17.27 17.73 -27.00
CA PRO E 78 -18.55 18.43 -27.06
C PRO E 78 -19.65 17.66 -27.77
N VAL E 79 -19.31 16.58 -28.48
CA VAL E 79 -20.30 15.76 -29.16
C VAL E 79 -20.00 14.30 -28.86
N ALA E 80 -21.03 13.47 -29.00
CA ALA E 80 -20.91 12.02 -29.03
C ALA E 80 -21.40 11.52 -30.39
N PRO E 81 -20.90 10.38 -30.87
CA PRO E 81 -19.92 9.48 -30.28
C PRO E 81 -18.51 10.06 -30.13
N GLU E 82 -17.70 9.38 -29.34
CA GLU E 82 -16.27 9.60 -29.24
C GLU E 82 -15.60 8.30 -29.65
N ALA E 83 -14.76 8.37 -30.68
CA ALA E 83 -14.23 7.17 -31.32
C ALA E 83 -12.91 7.49 -32.01
N GLY E 84 -12.05 6.48 -32.10
CA GLY E 84 -10.81 6.64 -32.84
C GLY E 84 -10.34 5.30 -33.34
N ARG E 85 -9.67 5.32 -34.48
CA ARG E 85 -8.93 4.19 -35.01
C ARG E 85 -7.46 4.60 -35.05
N PHE E 86 -6.58 3.70 -34.59
CA PHE E 86 -5.15 4.01 -34.48
C PHE E 86 -4.33 2.90 -35.10
N PHE E 87 -3.19 3.29 -35.69
CA PHE E 87 -2.25 2.36 -36.32
C PHE E 87 -0.84 2.80 -36.00
N LEU E 88 0.10 1.88 -36.16
CA LEU E 88 1.49 2.27 -36.38
C LEU E 88 1.67 2.59 -37.86
N SER E 89 2.46 3.63 -38.14
CA SER E 89 2.81 3.98 -39.50
C SER E 89 4.30 3.77 -39.73
N LEU E 90 4.65 3.63 -41.00
CA LEU E 90 6.02 3.33 -41.40
C LEU E 90 6.56 4.46 -42.27
N GLY E 91 7.53 5.21 -41.74
CA GLY E 91 8.10 6.31 -42.51
C GLY E 91 7.23 7.54 -42.61
N THR E 92 5.97 7.37 -43.02
CA THR E 92 5.05 8.48 -43.22
C THR E 92 3.71 8.11 -42.61
N PRO E 93 2.94 9.11 -42.13
CA PRO E 93 1.75 8.76 -41.34
C PRO E 93 0.65 8.05 -42.11
N ALA E 94 0.53 8.24 -43.43
CA ALA E 94 -0.50 7.53 -44.17
C ALA E 94 -0.13 6.08 -44.45
N ASN E 95 1.15 5.73 -44.32
CA ASN E 95 1.66 4.40 -44.65
C ASN E 95 1.53 3.52 -43.41
N ILE E 96 0.29 3.09 -43.15
CA ILE E 96 -0.02 2.38 -41.91
C ILE E 96 0.30 0.89 -42.07
N ILE E 97 0.55 0.24 -40.95
CA ILE E 97 1.03 -1.14 -40.89
C ILE E 97 -0.17 -2.03 -40.61
N PRO E 98 -0.67 -2.79 -41.59
CA PRO E 98 -1.73 -3.76 -41.30
C PRO E 98 -1.31 -4.67 -40.13
N GLY E 99 -2.26 -4.91 -39.22
CA GLY E 99 -1.99 -5.68 -38.04
C GLY E 99 -1.71 -4.86 -36.80
N SER E 100 -1.40 -3.57 -36.95
CA SER E 100 -1.10 -2.68 -35.84
C SER E 100 -2.30 -1.82 -35.44
N GLY E 101 -3.47 -2.08 -36.02
CA GLY E 101 -4.61 -1.22 -35.78
C GLY E 101 -5.37 -1.59 -34.51
N THR E 102 -5.97 -0.56 -33.93
CA THR E 102 -6.83 -0.67 -32.76
C THR E 102 -7.95 0.33 -32.95
N ALA E 103 -9.02 0.17 -32.16
CA ALA E 103 -10.14 1.09 -32.29
C ALA E 103 -10.97 1.05 -31.01
N VAL E 104 -11.50 2.22 -30.63
CA VAL E 104 -12.48 2.35 -29.56
C VAL E 104 -13.57 3.31 -30.01
N ARG E 105 -14.74 3.16 -29.43
CA ARG E 105 -15.87 4.02 -29.77
C ARG E 105 -16.88 3.97 -28.64
N SER E 106 -17.24 5.13 -28.11
CA SER E 106 -18.32 5.26 -27.15
C SER E 106 -19.44 6.05 -27.81
N ASN E 107 -20.62 5.44 -27.88
CA ASN E 107 -21.76 6.08 -28.53
C ASN E 107 -22.46 7.09 -27.64
N VAL E 108 -22.16 7.11 -26.35
CA VAL E 108 -22.79 8.04 -25.41
C VAL E 108 -21.72 8.74 -24.58
N ILE E 109 -22.09 9.20 -23.39
CA ILE E 109 -21.22 10.03 -22.58
C ILE E 109 -20.88 9.38 -21.24
N GLY E 110 -21.22 8.11 -21.06
CA GLY E 110 -20.95 7.47 -19.79
C GLY E 110 -19.57 6.89 -19.60
N THR E 111 -18.61 7.23 -20.47
CA THR E 111 -17.30 6.59 -20.42
C THR E 111 -16.20 7.66 -20.36
N GLY E 112 -15.34 7.55 -19.35
CA GLY E 112 -14.14 8.35 -19.30
C GLY E 112 -12.99 7.65 -19.98
N GLU E 113 -11.94 7.33 -19.23
CA GLU E 113 -10.76 6.70 -19.80
C GLU E 113 -11.02 5.23 -20.15
N VAL E 114 -10.47 4.81 -21.28
CA VAL E 114 -10.44 3.41 -21.68
C VAL E 114 -9.00 3.08 -22.04
N ASP E 115 -8.71 1.78 -22.09
CA ASP E 115 -7.36 1.33 -22.41
C ASP E 115 -7.29 0.73 -23.81
N VAL E 116 -6.20 1.04 -24.52
CA VAL E 116 -5.87 0.38 -25.77
C VAL E 116 -4.43 -0.15 -25.67
N SER E 117 -4.20 -1.35 -26.19
CA SER E 117 -2.85 -1.77 -26.52
C SER E 117 -2.90 -2.47 -27.88
N SER E 118 -1.93 -2.16 -28.75
CA SER E 118 -1.82 -2.88 -30.00
C SER E 118 -1.41 -4.31 -29.72
N GLY E 119 -1.44 -5.16 -30.74
CA GLY E 119 -0.72 -6.41 -30.66
C GLY E 119 0.78 -6.15 -30.54
N VAL E 120 1.52 -7.20 -30.22
CA VAL E 120 2.99 -7.17 -30.28
C VAL E 120 3.33 -7.54 -31.73
N ILE E 121 3.49 -6.52 -32.56
CA ILE E 121 3.59 -6.69 -34.00
C ILE E 121 5.03 -7.09 -34.37
N LEU E 122 5.19 -8.27 -34.96
CA LEU E 122 6.48 -8.69 -35.45
C LEU E 122 6.62 -8.25 -36.90
N ILE E 123 7.79 -7.71 -37.26
CA ILE E 123 7.90 -7.05 -38.55
C ILE E 123 9.36 -6.89 -38.93
N ASN E 124 9.63 -7.10 -40.21
CA ASN E 124 10.93 -6.76 -40.77
C ASN E 124 11.04 -5.26 -40.89
N LEU E 125 12.12 -4.68 -40.35
CA LEU E 125 12.36 -3.26 -40.51
C LEU E 125 13.76 -3.03 -41.06
N ASN E 126 14.03 -1.80 -41.45
CA ASN E 126 15.22 -1.45 -42.20
C ASN E 126 15.74 -0.09 -41.78
N PRO E 127 17.05 0.15 -41.94
CA PRO E 127 17.61 1.46 -41.56
C PRO E 127 16.85 2.61 -42.21
N GLY E 128 16.59 3.64 -41.43
CA GLY E 128 15.79 4.77 -41.86
C GLY E 128 14.31 4.67 -41.55
N ASP E 129 13.81 3.48 -41.21
CA ASP E 129 12.37 3.30 -40.97
C ASP E 129 11.91 4.10 -39.75
N LEU E 130 10.92 4.95 -39.92
CA LEU E 130 10.38 5.77 -38.85
C LEU E 130 9.03 5.21 -38.42
N ILE E 131 8.94 4.80 -37.15
CA ILE E 131 7.73 4.17 -36.58
C ILE E 131 7.00 5.19 -35.72
N GLN E 132 5.72 5.45 -36.04
CA GLN E 132 4.95 6.43 -35.30
C GLN E 132 3.54 5.89 -35.04
N ILE E 133 2.89 6.41 -33.99
CA ILE E 133 1.50 6.09 -33.67
C ILE E 133 0.61 7.19 -34.24
N VAL E 134 -0.29 6.84 -35.16
CA VAL E 134 -1.15 7.81 -35.80
C VAL E 134 -2.63 7.47 -35.62
N PRO E 135 -3.48 8.45 -35.32
CA PRO E 135 -4.92 8.26 -35.53
C PRO E 135 -5.21 8.33 -37.02
N VAL E 136 -6.06 7.42 -37.51
CA VAL E 136 -6.44 7.46 -38.91
C VAL E 136 -7.92 7.81 -39.10
N GLN E 137 -8.74 7.72 -38.07
CA GLN E 137 -10.13 8.15 -38.16
C GLN E 137 -10.62 8.51 -36.77
N LEU E 138 -11.34 9.63 -36.67
CA LEU E 138 -11.85 10.11 -35.40
C LEU E 138 -13.32 10.52 -35.52
N ILE E 139 -14.05 10.35 -34.43
CA ILE E 139 -15.37 10.91 -34.25
C ILE E 139 -15.38 11.61 -32.91
N GLY E 140 -15.87 12.86 -32.87
CA GLY E 140 -15.79 13.61 -31.64
C GLY E 140 -14.34 13.96 -31.30
N THR E 141 -14.15 14.47 -30.07
CA THR E 141 -12.84 14.75 -29.51
C THR E 141 -12.33 13.54 -28.77
N VAL E 142 -11.08 13.17 -29.02
CA VAL E 142 -10.49 11.94 -28.47
C VAL E 142 -9.19 12.32 -27.75
N ASP E 143 -9.19 12.20 -26.42
CA ASP E 143 -8.14 12.76 -25.56
C ASP E 143 -7.13 11.68 -25.21
N ILE E 144 -5.89 11.80 -25.70
CA ILE E 144 -4.86 10.80 -25.42
C ILE E 144 -4.20 11.19 -24.11
N ARG E 145 -4.61 10.53 -23.02
CA ARG E 145 -4.09 10.90 -21.70
C ARG E 145 -2.65 10.46 -21.50
N ALA E 146 -2.25 9.37 -22.15
CA ALA E 146 -0.88 8.86 -22.12
C ALA E 146 -0.72 7.87 -23.25
N ALA E 147 0.53 7.63 -23.65
CA ALA E 147 0.87 6.76 -24.77
C ALA E 147 2.32 6.31 -24.64
N ALA E 148 2.62 5.15 -25.23
CA ALA E 148 3.99 4.63 -25.19
C ALA E 148 4.20 3.79 -26.44
N LEU E 149 5.38 3.95 -27.04
CA LEU E 149 5.80 3.18 -28.21
C LEU E 149 6.99 2.31 -27.86
N THR E 150 6.91 1.03 -28.21
CA THR E 150 7.97 0.07 -27.91
C THR E 150 8.52 -0.54 -29.19
N VAL E 151 9.85 -0.53 -29.32
CA VAL E 151 10.55 -1.16 -30.42
C VAL E 151 11.66 -2.01 -29.84
N ALA E 152 11.71 -3.29 -30.21
CA ALA E 152 12.83 -4.10 -29.73
C ALA E 152 13.13 -5.20 -30.73
N GLN E 153 14.41 -5.36 -31.05
CA GLN E 153 14.81 -6.32 -32.06
C GLN E 153 14.73 -7.75 -31.53
N ILE E 154 14.26 -8.66 -32.39
CA ILE E 154 14.25 -10.09 -32.12
C ILE E 154 15.44 -10.72 -32.81
N SER E 155 16.31 -11.35 -32.02
CA SER E 155 17.60 -11.88 -32.52
C SER E 155 18.22 -12.91 -31.57
N LEU F 9 18.86 -17.88 -34.75
CA LEU F 9 17.61 -17.19 -35.02
C LEU F 9 16.47 -17.77 -34.18
N PRO F 10 15.87 -16.95 -33.33
CA PRO F 10 14.71 -17.43 -32.57
C PRO F 10 13.56 -17.81 -33.49
N ALA F 11 12.74 -18.75 -33.02
CA ALA F 11 11.49 -19.06 -33.69
C ALA F 11 10.50 -17.93 -33.42
N PHE F 12 9.67 -17.63 -34.42
CA PHE F 12 8.65 -16.62 -34.20
C PHE F 12 7.59 -16.71 -35.29
N GLY F 13 6.44 -16.13 -34.99
CA GLY F 13 5.34 -16.04 -35.93
C GLY F 13 4.38 -14.96 -35.52
N PHE F 14 3.84 -14.26 -36.52
CA PHE F 14 2.83 -13.24 -36.31
C PHE F 14 1.72 -13.48 -37.34
N ALA F 15 0.49 -13.62 -36.87
CA ALA F 15 -0.65 -13.88 -37.73
C ALA F 15 -1.78 -12.93 -37.32
N PHE F 16 -2.40 -12.27 -38.30
CA PHE F 16 -3.37 -11.25 -37.96
C PHE F 16 -4.50 -11.20 -38.97
N ASN F 17 -5.59 -10.57 -38.56
CA ASN F 17 -6.69 -10.28 -39.45
C ASN F 17 -6.90 -8.77 -39.46
N ALA F 18 -6.64 -8.15 -40.60
CA ALA F 18 -6.99 -6.76 -40.86
C ALA F 18 -7.88 -6.63 -42.09
N SER F 19 -8.39 -7.75 -42.61
CA SER F 19 -9.10 -7.70 -43.87
C SER F 19 -10.60 -7.88 -43.74
N ALA F 20 -11.09 -8.55 -42.69
CA ALA F 20 -12.52 -8.75 -42.59
C ALA F 20 -12.91 -8.95 -41.14
N PRO F 21 -13.96 -8.29 -40.66
CA PRO F 21 -14.47 -8.62 -39.32
C PRO F 21 -14.96 -10.06 -39.30
N GLN F 22 -15.12 -10.59 -38.10
CA GLN F 22 -15.66 -11.93 -37.92
C GLN F 22 -16.42 -11.97 -36.60
N PHE F 23 -17.57 -12.64 -36.59
CA PHE F 23 -18.32 -12.80 -35.35
C PHE F 23 -17.72 -13.92 -34.54
N ALA F 24 -17.51 -13.68 -33.25
CA ALA F 24 -17.00 -14.72 -32.36
C ALA F 24 -18.01 -15.85 -32.25
N SER F 25 -17.51 -17.08 -32.30
CA SER F 25 -18.31 -18.28 -32.12
C SER F 25 -17.63 -19.15 -31.07
N LEU F 26 -18.46 -19.84 -30.28
CA LEU F 26 -17.99 -20.53 -29.10
C LEU F 26 -16.96 -21.58 -29.48
N PHE F 27 -15.76 -21.48 -28.88
CA PHE F 27 -14.66 -22.41 -29.10
C PHE F 27 -14.30 -22.56 -30.58
N THR F 28 -14.47 -21.49 -31.36
CA THR F 28 -14.05 -21.48 -32.75
C THR F 28 -12.83 -20.58 -32.87
N PRO F 29 -11.67 -21.11 -33.21
CA PRO F 29 -10.47 -20.27 -33.35
C PRO F 29 -10.69 -19.09 -34.29
N LEU F 30 -10.21 -17.93 -33.89
CA LEU F 30 -10.34 -16.75 -34.74
C LEU F 30 -9.50 -16.89 -36.01
N LEU F 31 -10.02 -16.32 -37.10
CA LEU F 31 -9.36 -16.37 -38.39
C LEU F 31 -8.28 -15.31 -38.45
N LEU F 32 -7.07 -15.72 -38.82
CA LEU F 32 -5.90 -14.84 -38.85
C LEU F 32 -5.15 -15.14 -40.13
N PRO F 33 -5.64 -14.62 -41.26
CA PRO F 33 -5.12 -15.07 -42.56
C PRO F 33 -3.78 -14.46 -42.96
N SER F 34 -3.36 -13.36 -42.35
CA SER F 34 -2.23 -12.58 -42.85
C SER F 34 -0.98 -12.79 -42.00
N VAL F 35 0.20 -12.81 -42.63
CA VAL F 35 1.47 -12.92 -41.93
C VAL F 35 2.44 -11.81 -42.30
N SER F 36 2.05 -10.84 -43.13
CA SER F 36 2.98 -9.87 -43.70
C SER F 36 2.54 -8.44 -43.37
N PRO F 37 2.97 -7.89 -42.23
CA PRO F 37 2.50 -6.54 -41.87
C PRO F 37 3.24 -5.39 -42.54
N ASN F 38 4.45 -5.62 -43.05
CA ASN F 38 5.22 -4.50 -43.57
C ASN F 38 4.56 -4.02 -44.87
N PRO F 39 4.02 -2.80 -44.91
CA PRO F 39 3.38 -2.35 -46.15
C PRO F 39 4.34 -2.04 -47.29
N ASN F 40 5.61 -1.74 -46.99
CA ASN F 40 6.60 -1.44 -48.03
C ASN F 40 7.23 -2.71 -48.59
N ILE F 41 7.56 -3.65 -47.71
CA ILE F 41 8.28 -4.87 -48.06
C ILE F 41 7.52 -6.04 -47.45
N PRO F 42 6.39 -6.47 -48.03
CA PRO F 42 5.57 -7.48 -47.36
C PRO F 42 6.21 -8.85 -47.41
N VAL F 43 6.81 -9.31 -46.31
CA VAL F 43 7.32 -10.68 -46.26
C VAL F 43 6.67 -11.38 -45.07
N PRO F 44 6.54 -12.71 -45.10
CA PRO F 44 5.95 -13.44 -43.97
C PRO F 44 6.89 -13.37 -42.77
N VAL F 45 6.40 -12.80 -41.68
CA VAL F 45 7.21 -12.75 -40.48
C VAL F 45 7.02 -14.06 -39.74
N ILE F 46 7.65 -15.10 -40.29
CA ILE F 46 7.50 -16.50 -39.87
C ILE F 46 8.90 -17.10 -39.88
N ASN F 47 9.35 -17.63 -38.74
CA ASN F 47 10.58 -18.40 -38.71
C ASN F 47 10.37 -19.58 -37.78
N ASP F 48 10.42 -20.79 -38.35
CA ASP F 48 10.32 -22.02 -37.58
C ASP F 48 9.01 -22.10 -36.80
N THR F 49 7.96 -21.50 -37.35
CA THR F 49 6.58 -21.79 -36.99
C THR F 49 5.80 -21.93 -38.28
N VAL F 50 4.52 -22.28 -38.16
CA VAL F 50 3.60 -22.34 -39.30
C VAL F 50 2.34 -21.60 -38.92
N SER F 51 1.94 -20.65 -39.75
CA SER F 51 0.59 -20.08 -39.66
C SER F 51 -0.37 -20.96 -40.44
N VAL F 52 -1.45 -21.39 -39.80
CA VAL F 52 -2.36 -22.35 -40.42
C VAL F 52 -3.67 -21.71 -40.84
N GLY F 53 -3.81 -20.39 -40.72
CA GLY F 53 -5.02 -19.71 -41.08
C GLY F 53 -5.86 -19.32 -39.89
N ASP F 54 -5.82 -20.09 -38.82
CA ASP F 54 -6.46 -19.70 -37.58
C ASP F 54 -5.57 -19.99 -36.38
N GLY F 55 -4.27 -19.84 -36.53
CA GLY F 55 -3.38 -20.07 -35.42
C GLY F 55 -1.96 -20.26 -35.90
N ILE F 56 -1.07 -20.49 -34.93
CA ILE F 56 0.35 -20.68 -35.19
C ILE F 56 0.79 -21.99 -34.55
N ARG F 57 1.40 -22.86 -35.33
CA ARG F 57 1.93 -24.11 -34.81
C ARG F 57 3.41 -23.97 -34.49
N ILE F 58 3.79 -24.44 -33.30
CA ILE F 58 5.17 -24.44 -32.84
C ILE F 58 5.91 -25.60 -33.48
N LEU F 59 7.14 -25.36 -33.93
CA LEU F 59 7.98 -26.44 -34.45
C LEU F 59 9.19 -26.71 -33.58
N ARG F 60 9.58 -25.77 -32.72
CA ARG F 60 10.83 -25.84 -31.96
C ARG F 60 10.52 -25.70 -30.47
N ALA F 61 11.01 -26.65 -29.68
CA ALA F 61 10.86 -26.57 -28.22
C ALA F 61 11.55 -25.31 -27.69
N GLY F 62 10.92 -24.68 -26.71
CA GLY F 62 11.55 -23.54 -26.07
C GLY F 62 10.57 -22.78 -25.20
N ILE F 63 11.05 -21.65 -24.69
CA ILE F 63 10.22 -20.71 -23.93
C ILE F 63 9.80 -19.60 -24.87
N TYR F 64 8.51 -19.25 -24.84
CA TYR F 64 7.94 -18.31 -25.78
C TYR F 64 7.17 -17.23 -25.05
N GLN F 65 7.12 -16.06 -25.67
CA GLN F 65 6.07 -15.09 -25.37
C GLN F 65 4.96 -15.24 -26.40
N ILE F 66 3.75 -15.50 -25.93
CA ILE F 66 2.59 -15.55 -26.80
C ILE F 66 1.59 -14.54 -26.28
N SER F 67 0.90 -13.87 -27.19
CA SER F 67 -0.04 -12.81 -26.82
C SER F 67 -1.03 -12.59 -27.96
N TYR F 68 -2.12 -11.90 -27.64
CA TYR F 68 -3.08 -11.56 -28.68
C TYR F 68 -3.73 -10.22 -28.40
N THR F 69 -4.27 -9.63 -29.45
CA THR F 69 -5.06 -8.40 -29.37
C THR F 69 -6.38 -8.65 -30.10
N LEU F 70 -7.46 -8.04 -29.59
CA LEU F 70 -8.78 -8.12 -30.20
C LEU F 70 -9.39 -6.72 -30.22
N THR F 71 -9.95 -6.32 -31.34
CA THR F 71 -10.83 -5.15 -31.41
C THR F 71 -12.25 -5.67 -31.53
N ILE F 72 -13.09 -5.35 -30.55
CA ILE F 72 -14.40 -5.99 -30.38
C ILE F 72 -15.49 -4.93 -30.35
N SER F 73 -16.44 -5.04 -31.27
CA SER F 73 -17.61 -4.19 -31.24
C SER F 73 -18.72 -4.89 -30.46
N LEU F 74 -19.40 -4.12 -29.60
CA LEU F 74 -20.44 -4.67 -28.73
C LEU F 74 -21.82 -4.07 -29.01
N ASP F 75 -22.00 -3.38 -30.13
CA ASP F 75 -23.29 -2.75 -30.42
C ASP F 75 -23.87 -3.25 -31.73
N ASN F 76 -23.43 -4.41 -32.20
CA ASN F 76 -23.93 -4.99 -33.44
C ASN F 76 -25.05 -6.01 -33.13
N SER F 77 -26.10 -5.53 -32.41
CA SER F 77 -27.08 -6.45 -31.81
C SER F 77 -28.27 -5.72 -31.19
N PRO F 78 -29.48 -6.27 -31.30
CA PRO F 78 -30.65 -5.64 -30.70
C PRO F 78 -30.91 -6.06 -29.26
N VAL F 79 -30.21 -7.08 -28.78
CA VAL F 79 -30.43 -7.61 -27.44
C VAL F 79 -29.18 -7.39 -26.61
N ALA F 80 -29.38 -7.23 -25.32
CA ALA F 80 -28.35 -7.13 -24.31
C ALA F 80 -28.40 -8.34 -23.38
N PRO F 81 -27.35 -8.60 -22.60
CA PRO F 81 -26.03 -7.93 -22.60
C PRO F 81 -25.16 -8.36 -23.78
N GLU F 82 -23.97 -7.77 -23.91
CA GLU F 82 -22.99 -8.13 -24.93
C GLU F 82 -21.68 -8.44 -24.22
N ALA F 83 -21.20 -9.69 -24.33
CA ALA F 83 -20.11 -10.10 -23.46
C ALA F 83 -19.34 -11.28 -24.04
N GLY F 84 -18.02 -11.29 -23.84
CA GLY F 84 -17.20 -12.41 -24.26
C GLY F 84 -15.96 -12.60 -23.42
N ARG F 85 -15.55 -13.86 -23.28
CA ARG F 85 -14.32 -14.26 -22.62
C ARG F 85 -13.49 -15.02 -23.64
N PHE F 86 -12.19 -14.73 -23.67
CA PHE F 86 -11.31 -15.27 -24.69
C PHE F 86 -10.04 -15.79 -24.03
N PHE F 87 -9.55 -16.90 -24.54
CA PHE F 87 -8.28 -17.44 -24.07
C PHE F 87 -7.43 -17.80 -25.27
N LEU F 88 -6.13 -17.94 -25.03
CA LEU F 88 -5.32 -18.76 -25.93
C LEU F 88 -5.54 -20.22 -25.59
N SER F 89 -5.52 -21.07 -26.62
CA SER F 89 -5.65 -22.51 -26.43
C SER F 89 -4.42 -23.22 -26.96
N LEU F 90 -4.20 -24.42 -26.44
CA LEU F 90 -3.02 -25.22 -26.75
C LEU F 90 -3.49 -26.54 -27.37
N GLY F 91 -3.21 -26.72 -28.65
CA GLY F 91 -3.53 -27.97 -29.32
C GLY F 91 -4.97 -28.04 -29.82
N THR F 92 -5.92 -27.89 -28.91
CA THR F 92 -7.33 -27.93 -29.25
C THR F 92 -8.04 -26.76 -28.56
N PRO F 93 -9.10 -26.24 -29.18
CA PRO F 93 -9.71 -24.99 -28.68
C PRO F 93 -10.20 -25.08 -27.25
N ALA F 94 -10.59 -26.26 -26.76
CA ALA F 94 -11.02 -26.34 -25.38
C ALA F 94 -9.85 -26.32 -24.40
N ASN F 95 -8.62 -26.53 -24.88
CA ASN F 95 -7.45 -26.69 -24.00
C ASN F 95 -6.85 -25.31 -23.73
N ILE F 96 -7.61 -24.50 -22.99
CA ILE F 96 -7.27 -23.09 -22.80
C ILE F 96 -6.10 -22.96 -21.83
N ILE F 97 -5.39 -21.85 -21.96
CA ILE F 97 -4.14 -21.59 -21.25
C ILE F 97 -4.43 -20.62 -20.11
N PRO F 98 -4.33 -21.05 -18.85
CA PRO F 98 -4.56 -20.11 -17.75
C PRO F 98 -3.54 -18.98 -17.77
N GLY F 99 -4.01 -17.77 -17.43
CA GLY F 99 -3.21 -16.59 -17.56
C GLY F 99 -3.37 -15.85 -18.86
N SER F 100 -3.89 -16.51 -19.89
CA SER F 100 -4.11 -15.87 -21.18
C SER F 100 -5.53 -15.33 -21.35
N GLY F 101 -6.34 -15.30 -20.27
CA GLY F 101 -7.75 -14.98 -20.39
C GLY F 101 -8.04 -13.49 -20.35
N THR F 102 -9.10 -13.10 -21.05
CA THR F 102 -9.60 -11.73 -21.09
C THR F 102 -11.13 -11.79 -21.09
N ALA F 103 -11.76 -10.65 -20.81
CA ALA F 103 -13.21 -10.58 -20.80
C ALA F 103 -13.61 -9.12 -20.97
N VAL F 104 -14.71 -8.92 -21.69
CA VAL F 104 -15.39 -7.63 -21.77
C VAL F 104 -16.88 -7.92 -21.63
N ARG F 105 -17.62 -6.95 -21.09
CA ARG F 105 -19.06 -7.13 -20.89
C ARG F 105 -19.71 -5.76 -20.81
N SER F 106 -20.69 -5.52 -21.67
CA SER F 106 -21.56 -4.37 -21.55
C SER F 106 -22.96 -4.87 -21.19
N ASN F 107 -23.52 -4.35 -20.09
CA ASN F 107 -24.84 -4.78 -19.66
C ASN F 107 -25.94 -4.20 -20.55
N VAL F 108 -25.63 -3.16 -21.32
CA VAL F 108 -26.59 -2.48 -22.18
C VAL F 108 -26.11 -2.57 -23.63
N ILE F 109 -27.04 -2.33 -24.55
CA ILE F 109 -26.71 -2.32 -25.99
C ILE F 109 -26.07 -0.99 -26.30
N GLY F 110 -25.54 -0.86 -27.51
CA GLY F 110 -24.97 0.42 -27.93
C GLY F 110 -23.55 0.71 -27.48
N THR F 111 -22.76 -0.29 -27.13
CA THR F 111 -21.36 -0.07 -26.82
C THR F 111 -20.57 -0.37 -28.09
N GLY F 112 -19.80 0.61 -28.58
CA GLY F 112 -19.05 0.42 -29.79
C GLY F 112 -17.84 -0.47 -29.60
N GLU F 113 -16.73 -0.10 -30.24
CA GLU F 113 -15.53 -0.91 -30.17
C GLU F 113 -14.84 -0.76 -28.82
N VAL F 114 -14.35 -1.87 -28.30
CA VAL F 114 -13.48 -1.88 -27.13
C VAL F 114 -12.21 -2.63 -27.51
N ASP F 115 -11.14 -2.34 -26.80
CA ASP F 115 -9.87 -3.00 -27.03
C ASP F 115 -9.61 -4.09 -26.01
N VAL F 116 -9.08 -5.22 -26.47
CA VAL F 116 -8.60 -6.27 -25.59
C VAL F 116 -7.16 -6.59 -25.96
N SER F 117 -6.28 -6.72 -24.96
CA SER F 117 -5.00 -7.39 -25.14
C SER F 117 -4.79 -8.39 -24.02
N SER F 118 -4.27 -9.55 -24.38
CA SER F 118 -3.82 -10.49 -23.36
C SER F 118 -2.55 -9.98 -22.71
N GLY F 119 -2.09 -10.67 -21.67
CA GLY F 119 -0.73 -10.44 -21.21
C GLY F 119 0.28 -10.92 -22.24
N VAL F 120 1.53 -10.49 -22.06
CA VAL F 120 2.64 -11.17 -22.71
C VAL F 120 2.86 -12.47 -21.92
N ILE F 121 2.28 -13.57 -22.41
CA ILE F 121 2.34 -14.84 -21.71
C ILE F 121 3.66 -15.50 -22.02
N LEU F 122 4.47 -15.77 -20.99
CA LEU F 122 5.64 -16.62 -21.13
C LEU F 122 5.26 -18.07 -20.82
N ILE F 123 5.70 -19.00 -21.67
CA ILE F 123 5.19 -20.37 -21.58
C ILE F 123 6.17 -21.30 -22.26
N ASN F 124 6.36 -22.49 -21.66
CA ASN F 124 7.07 -23.57 -22.34
C ASN F 124 6.19 -24.18 -23.42
N LEU F 125 6.70 -24.23 -24.66
CA LEU F 125 5.97 -24.86 -25.75
C LEU F 125 6.84 -25.91 -26.43
N ASN F 126 6.20 -26.75 -27.22
CA ASN F 126 6.83 -27.95 -27.76
C ASN F 126 6.41 -28.16 -29.21
N PRO F 127 7.27 -28.81 -30.01
CA PRO F 127 6.93 -29.06 -31.42
C PRO F 127 5.53 -29.63 -31.56
N GLY F 128 4.76 -29.05 -32.47
CA GLY F 128 3.40 -29.48 -32.73
C GLY F 128 2.34 -28.77 -31.91
N ASP F 129 2.73 -27.99 -30.89
CA ASP F 129 1.76 -27.20 -30.15
C ASP F 129 1.12 -26.18 -31.07
N LEU F 130 -0.21 -26.19 -31.13
CA LEU F 130 -0.98 -25.27 -31.97
C LEU F 130 -1.63 -24.23 -31.08
N ILE F 131 -1.26 -22.97 -31.28
CA ILE F 131 -1.75 -21.85 -30.48
C ILE F 131 -2.83 -21.12 -31.26
N GLN F 132 -4.00 -20.92 -30.64
CA GLN F 132 -5.13 -20.26 -31.28
C GLN F 132 -5.83 -19.35 -30.27
N ILE F 133 -6.58 -18.37 -30.79
CA ILE F 133 -7.41 -17.50 -29.96
C ILE F 133 -8.84 -18.03 -29.98
N VAL F 134 -9.39 -18.36 -28.82
CA VAL F 134 -10.72 -18.96 -28.82
C VAL F 134 -11.66 -18.18 -27.90
N PRO F 135 -12.89 -17.90 -28.34
CA PRO F 135 -13.91 -17.46 -27.38
C PRO F 135 -14.37 -18.65 -26.54
N VAL F 136 -14.50 -18.43 -25.22
CA VAL F 136 -14.92 -19.50 -24.32
C VAL F 136 -16.28 -19.25 -23.69
N GLN F 137 -16.79 -18.02 -23.76
CA GLN F 137 -18.13 -17.71 -23.27
C GLN F 137 -18.60 -16.49 -24.05
N LEU F 138 -19.85 -16.54 -24.52
CA LEU F 138 -20.38 -15.52 -25.40
C LEU F 138 -21.84 -15.29 -25.08
N ILE F 139 -22.21 -14.02 -24.91
CA ILE F 139 -23.60 -13.60 -24.78
C ILE F 139 -23.81 -12.44 -25.72
N GLY F 140 -24.97 -12.43 -26.39
CA GLY F 140 -25.27 -11.50 -27.45
C GLY F 140 -24.47 -11.82 -28.70
N THR F 141 -24.16 -10.78 -29.46
CA THR F 141 -23.37 -10.91 -30.68
C THR F 141 -22.10 -10.09 -30.49
N VAL F 142 -20.95 -10.76 -30.64
CA VAL F 142 -19.64 -10.20 -30.30
C VAL F 142 -18.83 -10.13 -31.58
N ASP F 143 -18.56 -8.91 -32.04
CA ASP F 143 -18.02 -8.67 -33.39
C ASP F 143 -16.52 -8.32 -33.31
N ILE F 144 -15.67 -9.27 -33.71
CA ILE F 144 -14.21 -9.13 -33.72
C ILE F 144 -13.81 -8.33 -34.96
N ARG F 145 -13.62 -7.03 -34.80
CA ARG F 145 -13.27 -6.19 -35.95
C ARG F 145 -11.85 -6.47 -36.43
N ALA F 146 -10.96 -6.89 -35.53
CA ALA F 146 -9.58 -7.16 -35.88
C ALA F 146 -8.96 -8.01 -34.77
N ALA F 147 -7.95 -8.79 -35.16
CA ALA F 147 -7.28 -9.67 -34.21
C ALA F 147 -5.89 -9.98 -34.72
N ALA F 148 -4.96 -10.22 -33.78
CA ALA F 148 -3.60 -10.63 -34.13
C ALA F 148 -3.07 -11.54 -33.04
N LEU F 149 -2.32 -12.56 -33.45
CA LEU F 149 -1.65 -13.50 -32.56
C LEU F 149 -0.13 -13.37 -32.73
N THR F 150 0.60 -13.37 -31.61
CA THR F 150 2.06 -13.23 -31.64
C THR F 150 2.71 -14.37 -30.90
N VAL F 151 3.76 -14.93 -31.49
CA VAL F 151 4.54 -16.03 -30.94
C VAL F 151 6.01 -15.69 -31.15
N ALA F 152 6.79 -15.60 -30.07
CA ALA F 152 8.21 -15.30 -30.23
C ALA F 152 9.00 -16.00 -29.14
N GLN F 153 10.05 -16.69 -29.55
CA GLN F 153 10.89 -17.46 -28.63
C GLN F 153 11.75 -16.55 -27.78
N ILE F 154 11.81 -16.86 -26.50
CA ILE F 154 12.71 -16.24 -25.54
C ILE F 154 14.00 -17.04 -25.54
N SER F 155 15.09 -16.40 -25.93
CA SER F 155 16.39 -17.07 -26.13
C SER F 155 17.52 -16.06 -26.30
N ILE G 1 -0.67 20.38 5.33
CA ILE G 1 -2.04 20.55 5.81
C ILE G 1 -2.02 21.28 7.16
N GLU G 2 -3.08 22.04 7.45
CA GLU G 2 -3.10 22.89 8.62
C GLU G 2 -3.31 22.06 9.89
N PRO G 3 -2.81 22.53 11.04
CA PRO G 3 -2.95 21.75 12.28
C PRO G 3 -4.39 21.39 12.64
N GLU G 4 -5.36 22.23 12.30
CA GLU G 4 -6.77 21.93 12.61
C GLU G 4 -7.36 20.85 11.71
N ASN G 5 -6.67 20.45 10.64
CA ASN G 5 -7.14 19.37 9.78
C ASN G 5 -6.29 18.12 9.90
N ILE G 6 -5.27 18.11 10.76
CA ILE G 6 -4.46 16.93 11.01
C ILE G 6 -5.01 16.23 12.24
N GLY G 7 -5.37 14.96 12.08
CA GLY G 7 -5.86 14.18 13.20
C GLY G 7 -4.79 13.94 14.23
N PRO G 8 -5.18 13.67 15.48
CA PRO G 8 -6.57 13.61 15.97
C PRO G 8 -7.15 15.00 16.24
N THR G 9 -8.44 15.17 15.98
CA THR G 9 -9.19 16.36 16.35
C THR G 9 -10.19 16.01 17.44
N PHE G 10 -10.59 17.02 18.20
CA PHE G 10 -11.67 16.84 19.15
C PHE G 10 -12.96 16.55 18.42
N SER G 11 -13.62 15.46 18.79
CA SER G 11 -15.01 15.25 18.38
C SER G 11 -15.86 16.12 19.28
N ALA G 12 -16.27 17.29 18.75
CA ALA G 12 -17.05 18.29 19.48
C ALA G 12 -16.26 19.00 20.57
N LEU G 13 -16.58 20.28 20.81
CA LEU G 13 -15.92 21.10 21.82
C LEU G 13 -16.98 21.73 22.70
N PRO G 14 -17.03 21.42 23.99
CA PRO G 14 -18.03 22.06 24.87
C PRO G 14 -17.75 23.55 24.99
N PRO G 15 -18.77 24.35 25.35
CA PRO G 15 -18.61 25.80 25.56
C PRO G 15 -17.60 26.13 26.67
N ILE H 1 17.62 12.53 44.84
CA ILE H 1 16.36 13.21 45.11
C ILE H 1 15.26 12.18 45.39
N GLU H 2 14.43 12.44 46.40
CA GLU H 2 13.50 11.44 46.90
C GLU H 2 12.35 11.22 45.91
N PRO H 3 11.81 9.98 45.87
CA PRO H 3 10.74 9.68 44.89
C PRO H 3 9.54 10.61 44.93
N GLU H 4 9.20 11.15 46.10
CA GLU H 4 8.05 12.03 46.17
C GLU H 4 8.32 13.40 45.53
N ASN H 5 9.56 13.70 45.14
CA ASN H 5 9.92 14.96 44.51
C ASN H 5 10.30 14.79 43.03
N ILE H 6 10.13 13.60 42.49
CA ILE H 6 10.47 13.35 41.10
C ILE H 6 9.18 13.37 40.28
N GLY H 7 9.14 14.27 39.31
CA GLY H 7 8.01 14.38 38.41
C GLY H 7 7.79 13.10 37.62
N PRO H 8 6.53 12.85 37.21
CA PRO H 8 5.33 13.66 37.51
C PRO H 8 4.85 13.47 38.94
N THR H 9 4.41 14.55 39.57
CA THR H 9 3.66 14.50 40.82
C THR H 9 2.25 14.99 40.56
N PHE H 10 1.31 14.60 41.43
CA PHE H 10 -0.06 15.05 41.30
C PHE H 10 -0.14 16.56 41.48
N SER H 11 -0.94 17.23 40.63
CA SER H 11 -1.13 18.66 40.81
C SER H 11 -1.98 18.99 42.04
N ALA H 12 -2.84 18.07 42.48
CA ALA H 12 -3.63 18.33 43.69
C ALA H 12 -3.73 17.10 44.57
N ILE I 1 -6.02 -19.53 23.33
CA ILE I 1 -6.90 -19.12 24.42
C ILE I 1 -7.84 -18.03 23.91
N GLU I 2 -9.04 -17.95 24.49
CA GLU I 2 -10.09 -17.09 23.97
C GLU I 2 -9.79 -15.62 24.27
N PRO I 3 -10.07 -14.72 23.31
CA PRO I 3 -9.76 -13.29 23.55
C PRO I 3 -10.47 -12.72 24.76
N GLU I 4 -11.60 -13.32 25.17
CA GLU I 4 -12.26 -12.92 26.40
C GLU I 4 -11.38 -13.11 27.63
N ASN I 5 -10.42 -14.02 27.58
CA ASN I 5 -9.62 -14.35 28.74
C ASN I 5 -8.22 -13.73 28.70
N ILE I 6 -7.88 -13.00 27.65
CA ILE I 6 -6.55 -12.41 27.52
C ILE I 6 -6.58 -10.99 28.08
N GLY I 7 -5.68 -10.71 29.03
CA GLY I 7 -5.58 -9.41 29.64
C GLY I 7 -5.08 -8.33 28.69
N PRO I 8 -5.49 -7.08 28.92
CA PRO I 8 -6.36 -6.61 30.01
C PRO I 8 -7.85 -6.84 29.73
N THR I 9 -8.60 -7.27 30.74
CA THR I 9 -10.05 -7.35 30.68
C THR I 9 -10.68 -6.25 31.53
N PHE I 10 -11.87 -5.82 31.14
CA PHE I 10 -12.66 -4.90 31.96
C PHE I 10 -12.88 -5.49 33.34
N SER I 11 -12.55 -4.72 34.39
CA SER I 11 -12.80 -5.22 35.73
C SER I 11 -14.29 -5.33 36.05
N ALA I 12 -15.14 -4.63 35.30
CA ALA I 12 -16.58 -4.82 35.32
C ALA I 12 -17.12 -4.35 33.98
N LEU I 13 -18.28 -4.87 33.58
CA LEU I 13 -18.92 -4.45 32.33
C LEU I 13 -20.36 -4.02 32.61
N PRO I 14 -20.61 -2.72 32.68
CA PRO I 14 -21.98 -2.22 32.92
C PRO I 14 -22.81 -2.32 31.65
N PRO I 15 -24.10 -2.67 31.77
CA PRO I 15 -24.97 -2.59 30.59
C PRO I 15 -25.16 -1.14 30.15
N ILE I 16 -25.36 -0.97 28.83
CA ILE I 16 -25.46 0.39 28.29
C ILE I 16 -26.77 1.03 28.76
N TYR I 17 -26.74 2.35 28.96
CA TYR I 17 -27.86 3.08 29.53
C TYR I 17 -27.82 4.53 29.05
N ILE I 18 -28.87 5.28 29.44
CA ILE I 18 -29.04 6.72 29.16
C ILE I 18 -29.20 6.93 27.66
N LEU J 9 21.65 -10.43 17.61
CA LEU J 9 22.84 -10.07 18.37
C LEU J 9 22.60 -9.10 19.55
N PRO J 10 21.78 -8.05 19.37
CA PRO J 10 21.53 -7.14 20.50
C PRO J 10 20.80 -7.84 21.64
N ALA J 11 21.16 -7.47 22.87
CA ALA J 11 20.44 -7.97 24.04
C ALA J 11 19.02 -7.39 24.07
N PHE J 12 18.05 -8.22 24.44
CA PHE J 12 16.69 -7.72 24.61
C PHE J 12 15.89 -8.66 25.49
N GLY J 13 14.78 -8.13 26.00
CA GLY J 13 13.82 -8.90 26.75
C GLY J 13 12.45 -8.24 26.73
N PHE J 14 11.41 -9.05 26.69
CA PHE J 14 10.04 -8.57 26.77
C PHE J 14 9.30 -9.43 27.77
N ALA J 15 8.84 -8.83 28.86
CA ALA J 15 8.12 -9.53 29.91
C ALA J 15 6.75 -8.87 30.11
N PHE J 16 5.68 -9.66 30.12
CA PHE J 16 4.33 -9.09 30.20
C PHE J 16 3.42 -9.96 31.05
N ASN J 17 2.31 -9.34 31.46
CA ASN J 17 1.22 -10.00 32.18
C ASN J 17 -0.05 -9.79 31.35
N ALA J 18 -0.54 -10.87 30.76
CA ALA J 18 -1.86 -10.87 30.12
C ALA J 18 -2.75 -11.93 30.75
N SER J 19 -2.37 -12.43 31.91
CA SER J 19 -3.00 -13.61 32.49
C SER J 19 -3.74 -13.36 33.81
N ALA J 20 -3.30 -12.40 34.62
CA ALA J 20 -4.04 -12.12 35.84
C ALA J 20 -3.91 -10.66 36.21
N PRO J 21 -5.02 -10.01 36.57
CA PRO J 21 -4.90 -8.66 37.15
C PRO J 21 -4.23 -8.71 38.51
N GLN J 22 -3.63 -7.58 38.89
CA GLN J 22 -2.92 -7.49 40.17
C GLN J 22 -3.13 -6.11 40.77
N PHE J 23 -3.35 -6.06 42.07
CA PHE J 23 -3.44 -4.79 42.76
C PHE J 23 -2.05 -4.20 42.94
N ALA J 24 -1.94 -2.89 42.74
CA ALA J 24 -0.65 -2.24 42.90
C ALA J 24 -0.33 -2.13 44.38
N SER J 25 0.97 -2.19 44.68
CA SER J 25 1.44 -2.13 46.06
C SER J 25 2.71 -1.30 46.11
N LEU J 26 2.82 -0.48 47.15
CA LEU J 26 3.85 0.55 47.19
C LEU J 26 5.24 -0.08 47.09
N PHE J 27 6.00 0.36 46.09
CA PHE J 27 7.38 -0.08 45.88
C PHE J 27 7.49 -1.60 45.72
N THR J 28 6.41 -2.22 45.25
CA THR J 28 6.42 -3.64 44.92
C THR J 28 6.49 -3.80 43.41
N PRO J 29 7.55 -4.40 42.88
CA PRO J 29 7.62 -4.64 41.44
C PRO J 29 6.39 -5.41 40.95
N LEU J 30 5.92 -5.05 39.75
CA LEU J 30 4.74 -5.68 39.18
C LEU J 30 5.07 -7.07 38.64
N LEU J 31 4.08 -7.96 38.71
CA LEU J 31 4.25 -9.32 38.26
C LEU J 31 4.16 -9.39 36.74
N LEU J 32 5.19 -9.97 36.11
CA LEU J 32 5.30 -10.07 34.65
C LEU J 32 5.71 -11.48 34.25
N PRO J 33 4.78 -12.43 34.25
CA PRO J 33 5.16 -13.85 34.12
C PRO J 33 5.47 -14.33 32.71
N SER J 34 5.13 -13.59 31.65
CA SER J 34 5.18 -14.18 30.32
C SER J 34 6.23 -13.50 29.44
N VAL J 35 6.74 -14.26 28.47
CA VAL J 35 7.84 -13.80 27.62
C VAL J 35 7.66 -14.22 26.17
N SER J 36 6.56 -14.91 25.84
CA SER J 36 6.32 -15.42 24.50
C SER J 36 5.02 -14.85 23.94
N PRO J 37 5.07 -13.72 23.24
CA PRO J 37 3.83 -13.10 22.74
C PRO J 37 3.31 -13.67 21.44
N ASN J 38 4.12 -14.35 20.64
CA ASN J 38 3.64 -14.85 19.35
C ASN J 38 2.64 -15.98 19.57
N PRO J 39 1.37 -15.82 19.13
CA PRO J 39 0.40 -16.91 19.31
C PRO J 39 0.60 -18.08 18.37
N ASN J 40 1.24 -17.86 17.21
CA ASN J 40 1.50 -18.96 16.29
C ASN J 40 2.77 -19.70 16.65
N ILE J 41 3.87 -18.97 16.80
CA ILE J 41 5.18 -19.55 17.12
C ILE J 41 5.66 -18.99 18.45
N PRO J 42 5.22 -19.53 19.59
CA PRO J 42 5.58 -18.95 20.89
C PRO J 42 7.01 -19.31 21.27
N VAL J 43 7.92 -18.35 21.16
CA VAL J 43 9.27 -18.49 21.67
C VAL J 43 9.53 -17.36 22.65
N PRO J 44 10.27 -17.58 23.73
CA PRO J 44 10.68 -16.46 24.60
C PRO J 44 11.48 -15.44 23.79
N VAL J 45 10.99 -14.20 23.78
CA VAL J 45 11.70 -13.12 23.12
C VAL J 45 12.71 -12.59 24.12
N ILE J 46 13.67 -13.45 24.47
CA ILE J 46 14.71 -13.15 25.44
C ILE J 46 16.06 -13.42 24.78
N ASN J 47 16.96 -12.45 24.82
CA ASN J 47 18.32 -12.68 24.35
C ASN J 47 19.26 -11.91 25.26
N ASP J 48 20.05 -12.65 26.04
CA ASP J 48 21.07 -12.06 26.90
C ASP J 48 20.45 -11.14 27.95
N THR J 49 19.23 -11.46 28.36
CA THR J 49 18.63 -10.92 29.58
C THR J 49 18.03 -12.09 30.36
N VAL J 50 17.46 -11.80 31.52
CA VAL J 50 16.75 -12.79 32.32
C VAL J 50 15.43 -12.19 32.76
N SER J 51 14.33 -12.86 32.42
CA SER J 51 13.05 -12.50 33.01
C SER J 51 12.95 -13.18 34.37
N VAL J 52 12.83 -12.38 35.43
CA VAL J 52 12.81 -12.92 36.79
C VAL J 52 11.41 -13.02 37.36
N GLY J 53 10.38 -12.80 36.52
CA GLY J 53 9.00 -12.90 36.96
C GLY J 53 8.37 -11.59 37.38
N ASP J 54 9.17 -10.61 37.79
CA ASP J 54 8.72 -9.26 38.12
C ASP J 54 9.75 -8.24 37.67
N GLY J 55 10.41 -8.52 36.55
CA GLY J 55 11.46 -7.64 36.07
C GLY J 55 12.38 -8.35 35.10
N ILE J 56 13.32 -7.57 34.57
CA ILE J 56 14.26 -8.05 33.56
C ILE J 56 15.67 -7.71 34.02
N ARG J 57 16.50 -8.74 34.16
CA ARG J 57 17.87 -8.58 34.61
C ARG J 57 18.77 -8.42 33.39
N ILE J 58 19.60 -7.37 33.41
CA ILE J 58 20.54 -7.10 32.33
C ILE J 58 21.76 -8.00 32.49
N LEU J 59 22.24 -8.57 31.39
CA LEU J 59 23.46 -9.36 31.40
C LEU J 59 24.61 -8.71 30.63
N ARG J 60 24.34 -7.66 29.87
CA ARG J 60 25.34 -7.10 28.96
C ARG J 60 25.30 -5.58 29.06
N ALA J 61 26.48 -4.97 29.25
CA ALA J 61 26.57 -3.51 29.27
C ALA J 61 26.25 -2.93 27.90
N GLY J 62 25.61 -1.77 27.89
CA GLY J 62 25.30 -1.08 26.66
C GLY J 62 24.24 -0.01 26.91
N ILE J 63 23.73 0.52 25.80
CA ILE J 63 22.68 1.54 25.83
C ILE J 63 21.37 0.87 25.43
N TYR J 64 20.34 1.03 26.25
CA TYR J 64 19.09 0.33 26.06
C TYR J 64 17.94 1.31 25.91
N GLN J 65 16.90 0.89 25.16
CA GLN J 65 15.58 1.49 25.31
C GLN J 65 14.78 0.60 26.25
N ILE J 66 14.23 1.21 27.30
CA ILE J 66 13.37 0.51 28.25
C ILE J 66 12.07 1.28 28.34
N SER J 67 10.97 0.55 28.54
CA SER J 67 9.67 1.18 28.54
C SER J 67 8.65 0.20 29.12
N TYR J 68 7.53 0.75 29.57
CA TYR J 68 6.45 -0.08 30.08
C TYR J 68 5.11 0.50 29.67
N THR J 69 4.11 -0.38 29.69
CA THR J 69 2.71 -0.05 29.49
C THR J 69 1.91 -0.61 30.66
N LEU J 70 0.90 0.14 31.09
CA LEU J 70 -0.03 -0.30 32.13
C LEU J 70 -1.47 -0.05 31.69
N THR J 71 -2.34 -0.99 32.01
CA THR J 71 -3.79 -0.83 31.92
C THR J 71 -4.33 -0.86 33.34
N ILE J 72 -4.99 0.23 33.76
CA ILE J 72 -5.27 0.50 35.17
C ILE J 72 -6.75 0.80 35.33
N SER J 73 -7.40 0.11 36.26
CA SER J 73 -8.79 0.38 36.62
C SER J 73 -8.84 1.12 37.95
N LEU J 74 -9.67 2.18 38.00
CA LEU J 74 -9.72 3.06 39.15
C LEU J 74 -11.11 3.02 39.81
N ASP J 75 -11.66 1.82 39.97
CA ASP J 75 -13.04 1.68 40.43
C ASP J 75 -13.12 0.67 41.57
N ASN J 76 -12.18 0.73 42.50
CA ASN J 76 -12.02 -0.27 43.55
C ASN J 76 -12.48 0.23 44.92
N SER J 77 -13.24 1.32 44.97
CA SER J 77 -13.67 1.86 46.26
C SER J 77 -15.05 2.48 46.12
N PRO J 78 -15.86 2.42 47.17
CA PRO J 78 -17.15 3.14 47.16
C PRO J 78 -17.05 4.58 47.62
N VAL J 79 -15.89 5.03 48.11
CA VAL J 79 -15.84 6.32 48.78
C VAL J 79 -14.58 7.09 48.42
N ALA J 80 -13.51 6.39 48.03
CA ALA J 80 -12.21 7.05 47.89
C ALA J 80 -11.78 7.05 46.43
N PRO J 81 -11.70 8.22 45.78
CA PRO J 81 -11.15 8.26 44.42
C PRO J 81 -9.69 7.82 44.42
N GLU J 82 -9.26 7.25 43.29
CA GLU J 82 -8.00 6.50 43.25
C GLU J 82 -6.99 7.12 42.28
N ALA J 83 -5.70 6.87 42.55
CA ALA J 83 -4.60 7.46 41.80
C ALA J 83 -3.34 6.65 42.01
N GLY J 84 -2.39 6.81 41.09
CA GLY J 84 -1.13 6.09 41.18
C GLY J 84 -0.03 6.76 40.38
N ARG J 85 1.19 6.68 40.91
CA ARG J 85 2.40 7.10 40.22
C ARG J 85 3.34 5.91 40.07
N PHE J 86 3.94 5.76 38.87
CA PHE J 86 4.73 4.58 38.52
C PHE J 86 6.06 4.99 37.90
N PHE J 87 7.05 4.12 38.07
CA PHE J 87 8.41 4.37 37.59
C PHE J 87 9.04 3.05 37.21
N LEU J 88 10.12 3.12 36.45
CA LEU J 88 11.06 2.04 36.36
C LEU J 88 12.09 2.23 37.47
N SER J 89 12.50 1.11 38.07
CA SER J 89 13.54 1.14 39.08
C SER J 89 14.75 0.36 38.57
N LEU J 90 15.89 0.59 39.21
CA LEU J 90 17.17 0.04 38.80
C LEU J 90 17.80 -0.64 40.01
N GLY J 91 17.82 -1.96 40.01
CA GLY J 91 18.39 -2.68 41.14
C GLY J 91 17.44 -2.88 42.29
N THR J 92 16.99 -1.78 42.91
CA THR J 92 16.09 -1.83 44.07
C THR J 92 14.91 -0.91 43.81
N PRO J 93 13.70 -1.28 44.26
CA PRO J 93 12.50 -0.48 43.95
C PRO J 93 12.64 1.01 44.23
N ALA J 94 13.28 1.40 45.32
CA ALA J 94 13.38 2.82 45.63
C ALA J 94 14.31 3.57 44.67
N ASN J 95 15.16 2.87 43.93
CA ASN J 95 16.16 3.51 43.07
C ASN J 95 15.55 3.78 41.69
N ILE J 96 14.56 4.69 41.68
CA ILE J 96 13.77 4.92 40.48
C ILE J 96 14.57 5.70 39.45
N ILE J 97 14.18 5.54 38.19
CA ILE J 97 14.87 6.10 37.03
C ILE J 97 14.15 7.40 36.66
N PRO J 98 14.76 8.57 36.88
CA PRO J 98 14.10 9.82 36.46
C PRO J 98 13.83 9.80 34.96
N GLY J 99 12.64 10.27 34.59
CA GLY J 99 12.20 10.23 33.22
C GLY J 99 11.29 9.07 32.89
N SER J 100 11.27 8.04 33.73
CA SER J 100 10.39 6.90 33.52
C SER J 100 9.05 7.05 34.22
N GLY J 101 8.73 8.23 34.74
CA GLY J 101 7.55 8.39 35.56
C GLY J 101 6.28 8.59 34.75
N THR J 102 5.19 8.04 35.30
CA THR J 102 3.84 8.27 34.80
C THR J 102 2.93 8.47 36.00
N ALA J 103 1.77 9.07 35.75
CA ALA J 103 0.75 9.19 36.79
C ALA J 103 -0.63 9.24 36.14
N VAL J 104 -1.62 8.72 36.87
CA VAL J 104 -3.04 8.89 36.55
C VAL J 104 -3.76 9.15 37.86
N ARG J 105 -4.73 10.07 37.82
CA ARG J 105 -5.52 10.38 39.00
C ARG J 105 -6.94 10.68 38.59
N SER J 106 -7.90 10.06 39.27
CA SER J 106 -9.31 10.35 39.11
C SER J 106 -9.83 11.02 40.37
N ASN J 107 -10.67 12.04 40.20
CA ASN J 107 -11.29 12.76 41.31
C ASN J 107 -12.67 12.23 41.67
N VAL J 108 -13.09 11.09 41.10
CA VAL J 108 -14.40 10.52 41.37
C VAL J 108 -14.28 9.01 41.49
N ILE J 109 -15.22 8.40 42.24
CA ILE J 109 -15.28 6.95 42.33
C ILE J 109 -15.79 6.36 41.02
N GLY J 110 -15.49 5.08 40.81
CA GLY J 110 -16.10 4.37 39.70
C GLY J 110 -15.50 4.69 38.35
N THR J 111 -14.20 4.85 38.28
CA THR J 111 -13.52 5.18 37.03
C THR J 111 -13.02 3.89 36.39
N GLY J 112 -13.43 3.65 35.14
CA GLY J 112 -13.02 2.47 34.41
C GLY J 112 -11.60 2.58 33.90
N GLU J 113 -11.22 1.56 33.13
CA GLU J 113 -9.83 1.38 32.69
C GLU J 113 -9.28 2.64 32.02
N VAL J 114 -8.02 2.94 32.33
CA VAL J 114 -7.25 3.97 31.65
C VAL J 114 -5.92 3.37 31.22
N ASP J 115 -5.30 3.99 30.23
CA ASP J 115 -4.05 3.49 29.68
C ASP J 115 -2.87 4.36 30.11
N VAL J 116 -1.76 3.70 30.42
CA VAL J 116 -0.50 4.36 30.72
C VAL J 116 0.58 3.76 29.82
N SER J 117 1.45 4.61 29.30
CA SER J 117 2.70 4.16 28.71
C SER J 117 3.80 5.13 29.09
N SER J 118 4.94 4.59 29.51
CA SER J 118 6.11 5.42 29.76
C SER J 118 6.66 5.94 28.44
N GLY J 119 7.62 6.85 28.54
CA GLY J 119 8.43 7.16 27.39
C GLY J 119 9.23 5.95 26.97
N VAL J 120 9.86 6.07 25.79
CA VAL J 120 10.91 5.15 25.38
C VAL J 120 12.20 5.69 26.00
N ILE J 121 12.55 5.16 27.17
CA ILE J 121 13.66 5.66 27.97
C ILE J 121 14.96 5.08 27.42
N LEU J 122 15.89 5.96 27.06
CA LEU J 122 17.23 5.54 26.62
C LEU J 122 18.18 5.70 27.80
N ILE J 123 18.92 4.64 28.12
CA ILE J 123 19.65 4.62 29.39
C ILE J 123 20.82 3.66 29.27
N ASN J 124 21.95 4.04 29.89
CA ASN J 124 23.09 3.14 30.01
C ASN J 124 22.82 2.12 31.10
N LEU J 125 23.07 0.85 30.81
CA LEU J 125 22.82 -0.22 31.76
C LEU J 125 24.03 -1.14 31.82
N ASN J 126 24.09 -1.91 32.90
CA ASN J 126 25.26 -2.72 33.24
C ASN J 126 24.85 -4.11 33.69
N PRO J 127 25.74 -5.09 33.54
CA PRO J 127 25.41 -6.46 33.95
C PRO J 127 25.00 -6.53 35.42
N GLY J 128 23.90 -7.24 35.67
CA GLY J 128 23.34 -7.36 37.01
C GLY J 128 22.25 -6.36 37.31
N ASP J 129 22.06 -5.35 36.46
CA ASP J 129 21.01 -4.38 36.68
C ASP J 129 19.63 -5.04 36.53
N LEU J 130 18.75 -4.75 37.49
CA LEU J 130 17.41 -5.32 37.51
C LEU J 130 16.42 -4.20 37.25
N ILE J 131 15.71 -4.28 36.11
CA ILE J 131 14.73 -3.28 35.71
C ILE J 131 13.35 -3.77 36.13
N GLN J 132 12.59 -2.91 36.81
CA GLN J 132 11.28 -3.29 37.30
C GLN J 132 10.31 -2.12 37.24
N ILE J 133 9.02 -2.43 37.15
CA ILE J 133 7.95 -1.45 37.26
C ILE J 133 7.49 -1.39 38.70
N VAL J 134 7.58 -0.22 39.32
CA VAL J 134 7.23 -0.07 40.74
C VAL J 134 6.27 1.11 40.92
N PRO J 135 5.20 0.94 41.67
CA PRO J 135 4.41 2.10 42.11
C PRO J 135 5.16 2.84 43.20
N VAL J 136 5.14 4.16 43.14
CA VAL J 136 5.84 5.00 44.12
C VAL J 136 4.89 5.86 44.93
N GLN J 137 3.62 5.95 44.56
CA GLN J 137 2.59 6.63 45.35
C GLN J 137 1.25 6.06 44.93
N LEU J 138 0.42 5.75 45.90
CA LEU J 138 -0.88 5.16 45.61
C LEU J 138 -1.94 5.80 46.50
N ILE J 139 -3.00 6.28 45.87
CA ILE J 139 -4.16 6.79 46.59
C ILE J 139 -5.23 5.72 46.43
N GLY J 140 -5.55 5.03 47.53
CA GLY J 140 -6.50 3.94 47.46
C GLY J 140 -5.96 2.70 46.77
N THR J 141 -6.90 1.86 46.35
CA THR J 141 -6.64 0.57 45.71
C THR J 141 -6.63 0.71 44.20
N VAL J 142 -5.54 0.26 43.56
CA VAL J 142 -5.29 0.48 42.14
C VAL J 142 -5.09 -0.86 41.45
N ASP J 143 -5.93 -1.14 40.46
CA ASP J 143 -6.01 -2.45 39.81
C ASP J 143 -5.24 -2.39 38.49
N ILE J 144 -4.16 -3.17 38.39
CA ILE J 144 -3.36 -3.24 37.16
C ILE J 144 -3.92 -4.41 36.35
N ARG J 145 -4.75 -4.11 35.34
CA ARG J 145 -5.37 -5.18 34.57
C ARG J 145 -4.37 -5.88 33.66
N ALA J 146 -3.30 -5.19 33.25
CA ALA J 146 -2.25 -5.78 32.43
C ALA J 146 -1.05 -4.85 32.45
N ALA J 147 0.12 -5.42 32.16
CA ALA J 147 1.35 -4.66 32.17
C ALA J 147 2.37 -5.39 31.32
N ALA J 148 3.33 -4.62 30.80
CA ALA J 148 4.42 -5.18 29.99
C ALA J 148 5.65 -4.31 30.14
N LEU J 149 6.82 -4.95 30.15
CA LEU J 149 8.09 -4.27 30.26
C LEU J 149 8.96 -4.66 29.08
N THR J 150 9.60 -3.66 28.48
CA THR J 150 10.40 -3.84 27.27
C THR J 150 11.82 -3.35 27.49
N VAL J 151 12.80 -4.20 27.21
CA VAL J 151 14.21 -3.85 27.26
C VAL J 151 14.82 -4.28 25.93
N ALA J 152 15.53 -3.36 25.27
CA ALA J 152 16.18 -3.67 24.00
C ALA J 152 17.43 -2.80 23.83
N GLN J 153 18.56 -3.45 23.56
CA GLN J 153 19.81 -2.74 23.40
C GLN J 153 19.82 -1.92 22.12
N ILE J 154 20.20 -0.66 22.24
CA ILE J 154 20.35 0.26 21.12
C ILE J 154 21.80 0.34 20.65
N SER J 155 22.74 0.28 21.59
CA SER J 155 24.15 0.53 21.30
C SER J 155 25.03 0.01 22.44
N THR K 8 28.85 1.15 12.88
CA THR K 8 29.01 2.30 13.77
C THR K 8 27.81 2.45 14.70
N LEU K 9 27.92 3.34 15.68
CA LEU K 9 26.88 3.49 16.70
C LEU K 9 25.79 4.46 16.22
N PRO K 10 24.52 4.12 16.43
CA PRO K 10 23.44 4.98 15.94
C PRO K 10 23.39 6.29 16.70
N ALA K 11 22.89 7.32 16.03
CA ALA K 11 22.59 8.57 16.71
C ALA K 11 21.35 8.40 17.58
N PHE K 12 21.38 9.02 18.75
CA PHE K 12 20.20 8.95 19.61
C PHE K 12 20.25 10.09 20.61
N GLY K 13 19.09 10.38 21.19
CA GLY K 13 18.98 11.35 22.26
C GLY K 13 17.70 11.19 23.06
N PHE K 14 17.80 11.43 24.37
CA PHE K 14 16.66 11.30 25.29
C PHE K 14 16.66 12.53 26.19
N ALA K 15 15.63 13.37 26.06
CA ALA K 15 15.48 14.58 26.86
C ALA K 15 14.15 14.52 27.60
N PHE K 16 14.17 14.84 28.89
CA PHE K 16 12.98 14.65 29.70
C PHE K 16 12.86 15.75 30.74
N ASN K 17 11.65 15.94 31.23
CA ASN K 17 11.40 16.85 32.34
C ASN K 17 10.75 16.02 33.45
N ALA K 18 11.51 15.82 34.54
CA ALA K 18 11.00 15.22 35.77
C ALA K 18 11.29 16.12 36.97
N SER K 19 11.48 17.42 36.73
CA SER K 19 11.89 18.35 37.78
C SER K 19 10.93 19.50 37.98
N ALA K 20 10.17 19.91 36.97
CA ALA K 20 9.18 20.96 37.17
C ALA K 20 7.97 20.75 36.28
N PRO K 21 6.77 20.99 36.78
CA PRO K 21 5.60 21.03 35.89
C PRO K 21 5.58 22.32 35.10
N GLN K 22 4.83 22.31 34.01
CA GLN K 22 4.77 23.47 33.14
C GLN K 22 3.39 23.55 32.51
N PHE K 23 2.89 24.77 32.36
CA PHE K 23 1.60 24.98 31.71
C PHE K 23 1.79 25.01 30.20
N ALA K 24 0.87 24.38 29.49
CA ALA K 24 0.97 24.34 28.03
C ALA K 24 0.65 25.71 27.45
N SER K 25 1.33 26.03 26.36
CA SER K 25 1.14 27.28 25.64
C SER K 25 1.12 26.96 24.14
N LEU K 26 0.18 27.56 23.41
CA LEU K 26 0.02 27.24 22.00
C LEU K 26 1.33 27.44 21.24
N PHE K 27 1.73 26.40 20.52
CA PHE K 27 2.94 26.40 19.69
C PHE K 27 4.15 26.89 20.46
N THR K 28 4.25 26.48 21.73
CA THR K 28 5.43 26.76 22.55
C THR K 28 6.06 25.44 22.98
N PRO K 29 7.23 25.09 22.44
CA PRO K 29 7.84 23.78 22.75
C PRO K 29 8.00 23.56 24.25
N LEU K 30 7.77 22.32 24.66
CA LEU K 30 7.84 21.95 26.06
C LEU K 30 9.30 21.88 26.52
N LEU K 31 9.49 22.23 27.79
CA LEU K 31 10.82 22.24 28.39
C LEU K 31 11.24 20.82 28.76
N LEU K 32 12.41 20.42 28.28
CA LEU K 32 13.00 19.10 28.55
C LEU K 32 14.45 19.35 28.95
N PRO K 33 14.70 19.59 30.24
CA PRO K 33 16.05 20.01 30.66
C PRO K 33 17.03 18.89 30.97
N SER K 34 16.60 17.64 31.11
CA SER K 34 17.47 16.58 31.59
C SER K 34 17.75 15.55 30.49
N VAL K 35 18.96 14.97 30.54
CA VAL K 35 19.34 13.95 29.56
C VAL K 35 19.98 12.73 30.23
N SER K 36 19.99 12.68 31.56
CA SER K 36 20.76 11.67 32.28
C SER K 36 19.87 10.87 33.22
N PRO K 37 19.23 9.78 32.74
CA PRO K 37 18.26 9.05 33.57
C PRO K 37 18.85 7.99 34.49
N ASN K 38 20.09 7.55 34.27
CA ASN K 38 20.67 6.53 35.16
C ASN K 38 21.01 7.16 36.50
N PRO K 39 20.37 6.75 37.60
CA PRO K 39 20.66 7.39 38.89
C PRO K 39 22.01 7.00 39.48
N ASN K 40 22.51 5.79 39.19
CA ASN K 40 23.78 5.35 39.77
C ASN K 40 24.96 5.92 39.01
N ILE K 41 24.90 5.89 37.69
CA ILE K 41 25.99 6.37 36.85
C ILE K 41 25.42 7.38 35.87
N PRO K 42 25.27 8.63 36.24
CA PRO K 42 24.62 9.61 35.35
C PRO K 42 25.49 10.00 34.16
N VAL K 43 25.05 9.64 32.97
CA VAL K 43 25.68 10.15 31.75
C VAL K 43 24.61 10.70 30.81
N PRO K 44 24.91 11.73 30.03
CA PRO K 44 23.97 12.19 29.01
C PRO K 44 23.76 11.11 27.97
N VAL K 45 22.51 10.66 27.83
CA VAL K 45 22.20 9.66 26.84
C VAL K 45 21.94 10.39 25.53
N ILE K 46 23.02 10.87 24.93
CA ILE K 46 23.05 11.77 23.79
C ILE K 46 24.22 11.32 22.94
N ASN K 47 23.93 10.87 21.72
CA ASN K 47 25.02 10.48 20.81
C ASN K 47 24.72 11.06 19.43
N ASP K 48 25.48 12.08 19.03
CA ASP K 48 25.33 12.70 17.72
C ASP K 48 23.95 13.32 17.55
N THR K 49 23.36 13.76 18.66
CA THR K 49 22.26 14.71 18.65
C THR K 49 22.64 15.83 19.61
N VAL K 50 21.80 16.87 19.67
CA VAL K 50 21.97 17.93 20.67
C VAL K 50 20.63 18.16 21.36
N SER K 51 20.63 18.16 22.68
CA SER K 51 19.46 18.59 23.45
C SER K 51 19.59 20.09 23.71
N VAL K 52 18.59 20.86 23.27
CA VAL K 52 18.67 22.31 23.29
C VAL K 52 17.92 22.93 24.44
N GLY K 53 17.34 22.12 25.34
CA GLY K 53 16.56 22.59 26.47
C GLY K 53 15.07 22.43 26.28
N ASP K 54 14.59 22.48 25.05
CA ASP K 54 13.18 22.24 24.71
C ASP K 54 13.08 21.44 23.43
N GLY K 55 13.94 20.45 23.27
CA GLY K 55 13.90 19.59 22.10
C GLY K 55 15.28 19.03 21.80
N ILE K 56 15.35 18.26 20.71
CA ILE K 56 16.57 17.59 20.30
C ILE K 56 16.87 17.93 18.85
N ARG K 57 18.09 18.40 18.58
CA ARG K 57 18.47 18.70 17.21
C ARG K 57 19.21 17.52 16.59
N ILE K 58 18.84 17.20 15.35
CA ILE K 58 19.45 16.11 14.58
C ILE K 58 20.77 16.60 13.99
N LEU K 59 21.80 15.75 14.07
CA LEU K 59 23.11 16.05 13.49
C LEU K 59 23.49 15.11 12.36
N ARG K 60 22.72 14.04 12.15
CA ARG K 60 23.06 12.94 11.27
C ARG K 60 21.82 12.52 10.49
N ALA K 61 21.94 12.50 9.17
CA ALA K 61 20.82 12.04 8.35
C ALA K 61 20.55 10.57 8.63
N GLY K 62 19.27 10.21 8.68
CA GLY K 62 18.93 8.82 8.93
C GLY K 62 17.45 8.63 9.09
N ILE K 63 17.06 7.37 9.15
CA ILE K 63 15.73 6.97 9.61
C ILE K 63 15.76 6.91 11.13
N TYR K 64 14.80 7.57 11.77
CA TYR K 64 14.73 7.61 13.21
C TYR K 64 13.37 7.13 13.70
N GLN K 65 13.35 6.67 14.95
CA GLN K 65 12.13 6.57 15.73
C GLN K 65 12.09 7.76 16.69
N ILE K 66 11.03 8.55 16.63
CA ILE K 66 10.86 9.66 17.54
C ILE K 66 9.52 9.51 18.23
N SER K 67 9.48 9.88 19.52
CA SER K 67 8.27 9.67 20.30
C SER K 67 8.30 10.59 21.51
N TYR K 68 7.14 10.71 22.16
CA TYR K 68 7.06 11.49 23.38
C TYR K 68 6.04 10.88 24.32
N THR K 69 6.21 11.25 25.59
CA THR K 69 5.25 10.94 26.63
C THR K 69 4.91 12.24 27.35
N LEU K 70 3.66 12.32 27.81
CA LEU K 70 3.20 13.46 28.60
C LEU K 70 2.35 12.97 29.76
N THR K 71 2.56 13.57 30.93
CA THR K 71 1.67 13.41 32.07
C THR K 71 0.93 14.73 32.26
N ILE K 72 -0.40 14.71 32.13
CA ILE K 72 -1.18 15.93 31.98
C ILE K 72 -2.24 15.98 33.07
N SER K 73 -2.20 17.03 33.88
CA SER K 73 -3.24 17.30 34.86
C SER K 73 -4.32 18.16 34.23
N LEU K 74 -5.58 17.75 34.37
CA LEU K 74 -6.71 18.46 33.79
C LEU K 74 -7.61 19.09 34.85
N ASP K 75 -7.12 19.32 36.06
CA ASP K 75 -7.93 19.85 37.15
C ASP K 75 -7.56 21.28 37.55
N ASN K 76 -6.93 22.04 36.65
CA ASN K 76 -6.53 23.41 36.96
C ASN K 76 -7.54 24.42 36.39
N SER K 77 -7.78 25.49 37.17
CA SER K 77 -8.47 26.71 36.76
C SER K 77 -9.97 26.49 36.56
N PRO K 78 -10.79 27.55 36.67
CA PRO K 78 -12.25 27.35 36.73
C PRO K 78 -12.89 26.92 35.42
N VAL K 79 -12.20 27.04 34.29
CA VAL K 79 -12.80 26.67 33.00
C VAL K 79 -13.21 25.21 33.02
N ALA K 80 -14.50 24.95 32.75
CA ALA K 80 -15.03 23.60 32.92
C ALA K 80 -14.41 22.57 31.98
N PRO K 81 -14.28 22.81 30.67
CA PRO K 81 -13.56 21.84 29.83
C PRO K 81 -12.06 22.12 29.84
N GLU K 82 -11.27 21.05 29.97
CA GLU K 82 -9.82 21.12 29.88
C GLU K 82 -9.38 20.12 28.82
N ALA K 83 -8.59 20.57 27.84
CA ALA K 83 -8.30 19.75 26.69
C ALA K 83 -7.02 20.25 26.01
N GLY K 84 -6.35 19.33 25.32
CA GLY K 84 -5.13 19.66 24.63
C GLY K 84 -4.86 18.73 23.47
N ARG K 85 -4.33 19.27 22.37
CA ARG K 85 -3.82 18.47 21.28
C ARG K 85 -2.34 18.78 21.13
N PHE K 86 -1.53 17.74 20.93
CA PHE K 86 -0.08 17.84 20.91
C PHE K 86 0.46 17.12 19.70
N PHE K 87 1.55 17.67 19.16
CA PHE K 87 2.25 17.08 18.04
C PHE K 87 3.74 17.22 18.30
N LEU K 88 4.52 16.47 17.53
CA LEU K 88 5.93 16.78 17.34
C LEU K 88 6.03 17.74 16.17
N SER K 89 6.96 18.68 16.24
CA SER K 89 7.15 19.65 15.18
C SER K 89 8.55 19.51 14.61
N LEU K 90 8.70 19.90 13.36
CA LEU K 90 9.94 19.74 12.61
C LEU K 90 10.48 21.12 12.29
N GLY K 91 11.53 21.53 12.99
CA GLY K 91 12.20 22.78 12.70
C GLY K 91 11.56 23.97 13.40
N THR K 92 10.27 24.20 13.17
CA THR K 92 9.52 25.24 13.84
C THR K 92 8.20 24.69 14.37
N PRO K 93 7.67 25.27 15.45
CA PRO K 93 6.50 24.66 16.12
C PRO K 93 5.30 24.47 15.22
N ALA K 94 5.05 25.38 14.28
CA ALA K 94 3.87 25.24 13.43
C ALA K 94 3.99 24.06 12.49
N ASN K 95 5.22 23.63 12.19
CA ASN K 95 5.49 22.62 11.17
C ASN K 95 5.36 21.22 11.77
N ILE K 96 4.10 20.85 12.12
CA ILE K 96 3.87 19.63 12.88
C ILE K 96 4.02 18.41 11.98
N ILE K 97 4.29 17.26 12.62
CA ILE K 97 4.54 16.00 11.93
C ILE K 97 3.24 15.18 11.97
N PRO K 98 2.59 14.93 10.82
CA PRO K 98 1.40 14.07 10.82
C PRO K 98 1.74 12.65 11.25
N GLY K 99 0.90 12.08 12.10
CA GLY K 99 1.17 10.80 12.71
C GLY K 99 1.69 10.89 14.13
N SER K 100 2.15 12.06 14.56
CA SER K 100 2.67 12.27 15.90
C SER K 100 1.65 12.89 16.84
N GLY K 101 0.39 13.02 16.40
CA GLY K 101 -0.58 13.76 17.17
C GLY K 101 -1.21 12.94 18.29
N THR K 102 -1.51 13.63 19.39
CA THR K 102 -2.28 13.06 20.49
C THR K 102 -3.28 14.09 20.96
N ALA K 103 -4.25 13.63 21.75
CA ALA K 103 -5.28 14.52 22.26
C ALA K 103 -5.89 13.90 23.50
N VAL K 104 -6.25 14.76 24.44
CA VAL K 104 -7.04 14.39 25.61
C VAL K 104 -8.03 15.52 25.87
N ARG K 105 -9.22 15.17 26.32
CA ARG K 105 -10.25 16.16 26.59
C ARG K 105 -11.11 15.65 27.75
N SER K 106 -11.32 16.52 28.73
CA SER K 106 -12.24 16.26 29.84
C SER K 106 -13.31 17.35 29.83
N ASN K 107 -14.57 16.95 29.71
CA ASN K 107 -15.65 17.94 29.68
C ASN K 107 -16.02 18.41 31.07
N VAL K 108 -15.96 17.53 32.07
CA VAL K 108 -16.28 17.86 33.43
C VAL K 108 -14.99 17.91 34.24
N ILE K 109 -15.11 18.31 35.50
CA ILE K 109 -13.94 18.57 36.34
C ILE K 109 -13.58 17.38 37.23
N GLY K 110 -13.96 16.16 36.83
CA GLY K 110 -13.69 14.98 37.64
C GLY K 110 -12.41 14.22 37.32
N THR K 111 -11.42 14.87 36.69
CA THR K 111 -10.23 14.21 36.21
C THR K 111 -8.96 14.93 36.66
N GLY K 112 -8.04 14.18 37.26
CA GLY K 112 -6.72 14.67 37.59
C GLY K 112 -5.75 14.41 36.46
N GLU K 113 -4.63 13.73 36.74
CA GLU K 113 -3.67 13.43 35.70
C GLU K 113 -4.17 12.32 34.78
N VAL K 114 -3.89 12.47 33.49
CA VAL K 114 -4.02 11.41 32.49
C VAL K 114 -2.66 11.21 31.82
N ASP K 115 -2.50 10.05 31.19
CA ASP K 115 -1.28 9.74 30.49
C ASP K 115 -1.45 9.89 28.98
N VAL K 116 -0.39 10.36 28.33
CA VAL K 116 -0.31 10.43 26.88
C VAL K 116 1.00 9.83 26.43
N SER K 117 0.97 9.06 25.36
CA SER K 117 2.18 8.72 24.64
C SER K 117 1.89 8.75 23.16
N SER K 118 2.83 9.30 22.39
CA SER K 118 2.69 9.23 20.96
C SER K 118 2.96 7.82 20.47
N GLY K 119 2.67 7.58 19.20
CA GLY K 119 3.23 6.42 18.55
C GLY K 119 4.74 6.52 18.48
N VAL K 120 5.38 5.37 18.23
CA VAL K 120 6.79 5.34 17.87
C VAL K 120 6.88 5.72 16.39
N ILE K 121 7.12 7.00 16.14
CA ILE K 121 7.05 7.57 14.80
C ILE K 121 8.35 7.26 14.07
N LEU K 122 8.26 6.57 12.92
CA LEU K 122 9.42 6.33 12.08
C LEU K 122 9.49 7.37 10.99
N ILE K 123 10.65 8.01 10.83
CA ILE K 123 10.75 9.20 10.00
C ILE K 123 12.21 9.41 9.56
N ASN K 124 12.37 9.76 8.28
CA ASN K 124 13.63 10.26 7.76
C ASN K 124 13.90 11.65 8.30
N LEU K 125 15.11 11.89 8.77
CA LEU K 125 15.48 13.17 9.31
C LEU K 125 16.82 13.59 8.72
N ASN K 126 17.08 14.89 8.81
CA ASN K 126 18.23 15.53 8.19
C ASN K 126 18.99 16.35 9.22
N PRO K 127 20.31 16.53 9.04
CA PRO K 127 21.06 17.36 9.97
C PRO K 127 20.44 18.76 10.06
N GLY K 128 20.40 19.29 11.28
CA GLY K 128 19.78 20.56 11.54
C GLY K 128 18.31 20.53 11.86
N ASP K 129 17.65 19.37 11.71
CA ASP K 129 16.24 19.24 12.09
C ASP K 129 16.09 19.34 13.61
N LEU K 130 15.24 20.26 14.07
CA LEU K 130 14.95 20.44 15.49
C LEU K 130 13.58 19.84 15.84
N ILE K 131 13.58 18.78 16.64
CA ILE K 131 12.36 18.06 17.00
C ILE K 131 11.87 18.58 18.34
N GLN K 132 10.58 18.94 18.41
CA GLN K 132 10.04 19.54 19.62
C GLN K 132 8.60 19.07 19.81
N ILE K 133 8.15 19.12 21.06
CA ILE K 133 6.77 18.78 21.43
C ILE K 133 5.99 20.09 21.56
N VAL K 134 4.95 20.27 20.76
CA VAL K 134 4.23 21.54 20.79
C VAL K 134 2.74 21.31 21.06
N PRO K 135 2.11 22.10 21.92
CA PRO K 135 0.64 22.13 21.94
C PRO K 135 0.13 22.89 20.73
N VAL K 136 -0.85 22.32 20.04
CA VAL K 136 -1.45 22.95 18.87
C VAL K 136 -2.88 23.40 19.12
N GLN K 137 -3.49 22.98 20.22
CA GLN K 137 -4.84 23.41 20.57
C GLN K 137 -5.03 23.17 22.05
N LEU K 138 -5.47 24.19 22.78
CA LEU K 138 -5.71 24.09 24.21
C LEU K 138 -7.10 24.61 24.52
N ILE K 139 -7.78 23.93 25.46
CA ILE K 139 -9.04 24.39 26.03
C ILE K 139 -8.82 24.53 27.52
N GLY K 140 -9.07 25.72 28.05
CA GLY K 140 -8.75 25.93 29.45
C GLY K 140 -7.25 25.87 29.69
N THR K 141 -6.90 25.73 30.98
CA THR K 141 -5.51 25.59 31.38
C THR K 141 -5.14 24.12 31.40
N VAL K 142 -3.94 23.81 30.93
CA VAL K 142 -3.46 22.44 30.81
C VAL K 142 -2.06 22.38 31.43
N ASP K 143 -1.87 21.48 32.39
CA ASP K 143 -0.66 21.41 33.21
C ASP K 143 0.10 20.15 32.84
N ILE K 144 1.30 20.31 32.28
CA ILE K 144 2.14 19.18 31.93
C ILE K 144 3.00 18.87 33.14
N ARG K 145 2.69 17.77 33.83
CA ARG K 145 3.42 17.41 35.04
C ARG K 145 4.78 16.80 34.73
N ALA K 146 4.92 16.13 33.59
CA ALA K 146 6.20 15.54 33.18
C ALA K 146 6.12 15.26 31.70
N ALA K 147 7.29 15.18 31.06
CA ALA K 147 7.36 14.97 29.63
C ALA K 147 8.74 14.42 29.26
N ALA K 148 8.80 13.69 28.15
CA ALA K 148 10.05 13.13 27.65
C ALA K 148 9.97 12.96 26.13
N LEU K 149 11.08 13.25 25.48
CA LEU K 149 11.23 13.11 24.04
C LEU K 149 12.35 12.11 23.75
N THR K 150 12.09 11.16 22.87
CA THR K 150 13.05 10.12 22.53
C THR K 150 13.35 10.19 21.04
N VAL K 151 14.64 10.16 20.70
CA VAL K 151 15.10 10.15 19.32
C VAL K 151 16.15 9.06 19.22
N ALA K 152 15.93 8.08 18.35
CA ALA K 152 16.93 7.03 18.18
C ALA K 152 16.96 6.58 16.72
N GLN K 153 18.16 6.48 16.17
CA GLN K 153 18.32 6.14 14.76
C GLN K 153 18.08 4.65 14.54
N ILE K 154 17.39 4.35 13.44
CA ILE K 154 17.19 2.98 12.97
C ILE K 154 18.28 2.70 11.96
N SER K 155 19.22 1.82 12.28
CA SER K 155 20.38 1.62 11.40
C SER K 155 21.03 0.24 11.52
N THR L 8 22.22 -4.28 6.02
CA THR L 8 21.66 -3.46 4.95
C THR L 8 20.33 -2.83 5.37
N LEU L 9 20.34 -2.12 6.51
CA LEU L 9 19.21 -1.35 7.03
C LEU L 9 18.07 -2.26 7.47
N PRO L 10 17.70 -2.24 8.75
CA PRO L 10 16.67 -3.16 9.23
C PRO L 10 15.35 -2.95 8.50
N ALA L 11 14.52 -3.98 8.51
CA ALA L 11 13.19 -3.83 7.96
C ALA L 11 12.35 -2.98 8.91
N PHE L 12 11.48 -2.16 8.33
CA PHE L 12 10.59 -1.34 9.14
C PHE L 12 9.39 -0.88 8.33
N GLY L 13 8.36 -0.44 9.05
CA GLY L 13 7.21 0.18 8.43
C GLY L 13 6.46 1.04 9.42
N PHE L 14 5.95 2.19 8.96
CA PHE L 14 5.15 3.06 9.81
C PHE L 14 3.91 3.48 9.02
N ALA L 15 2.73 3.22 9.59
CA ALA L 15 1.45 3.42 8.92
C ALA L 15 0.52 4.13 9.89
N PHE L 16 -0.04 5.26 9.46
CA PHE L 16 -0.88 6.02 10.38
C PHE L 16 -2.12 6.56 9.69
N ASN L 17 -3.05 6.99 10.55
CA ASN L 17 -4.25 7.72 10.15
C ASN L 17 -4.28 9.04 10.91
N ALA L 18 -4.08 10.15 10.19
CA ALA L 18 -4.29 11.50 10.70
C ALA L 18 -5.22 12.28 9.80
N SER L 19 -6.00 11.60 8.96
CA SER L 19 -6.86 12.25 7.99
C SER L 19 -8.36 12.01 8.20
N ALA L 20 -8.76 10.96 8.93
CA ALA L 20 -10.19 10.77 9.18
C ALA L 20 -10.45 9.95 10.44
N PRO L 21 -11.38 10.37 11.29
CA PRO L 21 -11.81 9.49 12.39
C PRO L 21 -12.52 8.27 11.83
N GLN L 22 -12.51 7.20 12.63
CA GLN L 22 -13.21 5.97 12.29
C GLN L 22 -13.82 5.39 13.55
N PHE L 23 -15.04 4.86 13.44
CA PHE L 23 -15.63 4.18 14.59
C PHE L 23 -15.02 2.80 14.72
N ALA L 24 -14.70 2.41 15.94
CA ALA L 24 -14.22 1.06 16.18
C ALA L 24 -15.32 0.05 15.88
N SER L 25 -14.91 -1.09 15.31
CA SER L 25 -15.81 -2.16 14.95
C SER L 25 -15.16 -3.49 15.32
N LEU L 26 -15.94 -4.38 15.92
CA LEU L 26 -15.41 -5.64 16.46
C LEU L 26 -14.60 -6.42 15.43
N PHE L 27 -13.32 -6.64 15.75
CA PHE L 27 -12.42 -7.48 14.95
C PHE L 27 -12.24 -6.95 13.53
N THR L 28 -12.45 -5.64 13.35
CA THR L 28 -12.18 -4.99 12.08
C THR L 28 -10.88 -4.20 12.19
N PRO L 29 -9.85 -4.53 11.41
CA PRO L 29 -8.60 -3.78 11.50
C PRO L 29 -8.80 -2.28 11.25
N LEU L 30 -8.06 -1.47 12.00
CA LEU L 30 -8.16 -0.03 11.84
C LEU L 30 -7.52 0.42 10.54
N LEU L 31 -8.12 1.43 9.90
CA LEU L 31 -7.60 1.98 8.66
C LEU L 31 -6.39 2.83 8.96
N LEU L 32 -5.31 2.60 8.22
CA LEU L 32 -4.04 3.33 8.39
C LEU L 32 -3.56 3.69 6.99
N PRO L 33 -4.05 4.81 6.44
CA PRO L 33 -3.79 5.10 5.02
C PRO L 33 -2.44 5.72 4.69
N SER L 34 -1.71 6.28 5.67
CA SER L 34 -0.55 7.12 5.36
C SER L 34 0.74 6.50 5.87
N VAL L 35 1.84 6.79 5.15
CA VAL L 35 3.12 6.17 5.47
C VAL L 35 4.27 7.18 5.39
N SER L 36 3.94 8.46 5.23
CA SER L 36 4.94 9.50 4.98
C SER L 36 4.72 10.64 5.96
N PRO L 37 5.39 10.62 7.13
CA PRO L 37 5.13 11.63 8.16
C PRO L 37 5.91 12.92 8.02
N ASN L 38 6.99 12.93 7.23
CA ASN L 38 7.84 14.12 7.19
C ASN L 38 7.15 15.21 6.36
N PRO L 39 6.78 16.35 6.96
CA PRO L 39 6.12 17.40 6.16
C PRO L 39 7.06 18.11 5.21
N ASN L 40 8.35 18.17 5.53
CA ASN L 40 9.32 18.83 4.65
C ASN L 40 9.72 17.96 3.47
N ILE L 41 10.05 16.71 3.74
CA ILE L 41 10.63 15.82 2.75
C ILE L 41 9.82 14.53 2.81
N PRO L 42 8.65 14.48 2.17
CA PRO L 42 7.79 13.28 2.28
C PRO L 42 8.40 12.10 1.55
N VAL L 43 8.48 10.97 2.26
CA VAL L 43 8.93 9.72 1.66
C VAL L 43 8.28 8.63 2.49
N PRO L 44 7.77 7.56 1.88
CA PRO L 44 7.19 6.47 2.68
C PRO L 44 8.26 5.84 3.55
N VAL L 45 7.99 5.77 4.84
CA VAL L 45 8.98 5.20 5.78
C VAL L 45 8.68 3.70 5.83
N ILE L 46 9.10 3.02 4.76
CA ILE L 46 8.83 1.63 4.47
C ILE L 46 10.12 0.98 3.99
N ASN L 47 10.52 -0.11 4.62
CA ASN L 47 11.68 -0.86 4.11
C ASN L 47 11.45 -2.34 4.38
N ASP L 48 11.28 -3.11 3.31
CA ASP L 48 11.09 -4.55 3.41
C ASP L 48 9.87 -4.92 4.25
N THR L 49 8.89 -4.02 4.32
CA THR L 49 7.53 -4.32 4.74
C THR L 49 6.59 -3.78 3.67
N VAL L 50 5.29 -4.06 3.84
CA VAL L 50 4.24 -3.56 2.94
C VAL L 50 3.09 -3.05 3.78
N SER L 51 2.75 -1.77 3.65
CA SER L 51 1.52 -1.25 4.23
C SER L 51 0.37 -1.57 3.28
N VAL L 52 -0.68 -2.23 3.81
CA VAL L 52 -1.78 -2.71 2.97
C VAL L 52 -3.04 -1.87 3.14
N GLY L 53 -2.95 -0.73 3.84
CA GLY L 53 -4.09 0.12 4.08
C GLY L 53 -4.72 -0.07 5.45
N ASP L 54 -4.67 -1.28 6.01
CA ASP L 54 -5.14 -1.49 7.37
C ASP L 54 -4.17 -2.40 8.13
N GLY L 55 -2.89 -2.23 7.87
CA GLY L 55 -1.88 -3.03 8.53
C GLY L 55 -0.60 -3.08 7.73
N ILE L 56 0.37 -3.78 8.30
CA ILE L 56 1.71 -3.90 7.75
C ILE L 56 2.09 -5.37 7.63
N ARG L 57 2.48 -5.80 6.44
CA ARG L 57 2.88 -7.19 6.24
C ARG L 57 4.40 -7.33 6.37
N ILE L 58 4.82 -8.33 7.11
CA ILE L 58 6.22 -8.67 7.27
C ILE L 58 6.71 -9.41 6.05
N LEU L 59 7.89 -9.04 5.55
CA LEU L 59 8.54 -9.74 4.44
C LEU L 59 9.84 -10.45 4.86
N ARG L 60 10.41 -10.12 6.01
CA ARG L 60 11.72 -10.61 6.42
C ARG L 60 11.62 -11.19 7.83
N ALA L 61 12.07 -12.42 8.01
CA ALA L 61 12.06 -13.03 9.32
C ALA L 61 12.95 -12.25 10.27
N GLY L 62 12.60 -12.24 11.55
CA GLY L 62 13.42 -11.58 12.54
C GLY L 62 12.66 -11.27 13.81
N ILE L 63 13.38 -10.66 14.74
CA ILE L 63 12.77 -10.09 15.94
C ILE L 63 12.43 -8.63 15.65
N TYR L 64 11.21 -8.25 16.01
CA TYR L 64 10.69 -6.93 15.70
C TYR L 64 10.19 -6.27 16.98
N GLN L 65 10.21 -4.95 16.99
CA GLN L 65 9.35 -4.20 17.89
C GLN L 65 8.11 -3.79 17.11
N ILE L 66 6.94 -4.03 17.68
CA ILE L 66 5.69 -3.61 17.09
C ILE L 66 4.87 -2.93 18.18
N SER L 67 4.16 -1.86 17.81
CA SER L 67 3.46 -1.04 18.78
C SER L 67 2.41 -0.21 18.04
N TYR L 68 1.46 0.31 18.81
CA TYR L 68 0.43 1.16 18.25
C TYR L 68 0.05 2.25 19.26
N THR L 69 -0.50 3.34 18.73
CA THR L 69 -1.13 4.39 19.51
C THR L 69 -2.55 4.61 18.99
N LEU L 70 -3.45 5.04 19.87
CA LEU L 70 -4.83 5.36 19.55
C LEU L 70 -5.24 6.61 20.30
N THR L 71 -5.85 7.56 19.60
CA THR L 71 -6.61 8.63 20.26
C THR L 71 -8.09 8.27 20.14
N ILE L 72 -8.76 8.16 21.29
CA ILE L 72 -10.09 7.56 21.38
C ILE L 72 -11.04 8.53 22.07
N SER L 73 -12.09 8.96 21.37
CA SER L 73 -13.11 9.79 21.98
C SER L 73 -14.20 8.91 22.58
N LEU L 74 -14.52 9.17 23.84
CA LEU L 74 -15.52 8.39 24.58
C LEU L 74 -16.80 9.17 24.85
N ASP L 75 -17.03 10.31 24.17
CA ASP L 75 -18.28 11.04 24.34
C ASP L 75 -19.01 11.21 23.02
N ASN L 76 -18.66 10.39 22.03
CA ASN L 76 -19.32 10.34 20.74
C ASN L 76 -20.25 9.13 20.67
N SER L 77 -21.02 8.91 21.75
CA SER L 77 -21.89 7.75 21.89
C SER L 77 -23.24 8.16 22.45
N PRO L 78 -24.33 7.55 21.96
CA PRO L 78 -25.65 7.81 22.55
C PRO L 78 -25.81 7.23 23.95
N VAL L 79 -24.99 6.26 24.34
CA VAL L 79 -25.08 5.63 25.66
C VAL L 79 -23.72 5.62 26.33
N ALA L 80 -23.74 5.40 27.65
CA ALA L 80 -22.75 4.94 28.62
C ALA L 80 -22.97 3.46 28.86
N PRO L 81 -21.89 2.72 29.13
CA PRO L 81 -20.49 3.12 29.11
C PRO L 81 -19.97 3.29 27.68
N GLU L 82 -18.77 3.86 27.54
CA GLU L 82 -18.02 3.85 26.29
C GLU L 82 -16.69 3.18 26.59
N ALA L 83 -16.41 2.08 25.91
CA ALA L 83 -15.28 1.27 26.34
C ALA L 83 -14.83 0.38 25.19
N GLY L 84 -13.54 0.07 25.17
CA GLY L 84 -12.99 -0.80 24.15
C GLY L 84 -11.72 -1.46 24.63
N ARG L 85 -11.50 -2.68 24.15
CA ARG L 85 -10.24 -3.38 24.31
C ARG L 85 -9.65 -3.59 22.92
N PHE L 86 -8.33 -3.45 22.81
CA PHE L 86 -7.62 -3.46 21.53
C PHE L 86 -6.39 -4.33 21.64
N PHE L 87 -6.08 -4.99 20.54
CA PHE L 87 -4.90 -5.84 20.44
C PHE L 87 -4.27 -5.66 19.08
N LEU L 88 -3.03 -6.12 18.96
CA LEU L 88 -2.45 -6.43 17.66
C LEU L 88 -2.79 -7.87 17.31
N SER L 89 -3.12 -8.12 16.05
CA SER L 89 -3.41 -9.47 15.60
C SER L 89 -2.35 -9.93 14.61
N LEU L 90 -2.16 -11.24 14.56
CA LEU L 90 -1.19 -11.87 13.68
C LEU L 90 -1.94 -12.60 12.57
N GLY L 91 -1.71 -12.19 11.34
CA GLY L 91 -2.34 -12.83 10.19
C GLY L 91 -3.81 -12.54 10.02
N THR L 92 -4.60 -12.82 11.04
CA THR L 92 -6.05 -12.67 10.98
C THR L 92 -6.55 -12.01 12.25
N PRO L 93 -7.62 -11.21 12.16
CA PRO L 93 -8.01 -10.36 13.31
C PRO L 93 -8.28 -11.12 14.60
N ALA L 94 -8.85 -12.32 14.56
CA ALA L 94 -9.09 -13.05 15.79
C ALA L 94 -7.80 -13.49 16.47
N ASN L 95 -6.68 -13.56 15.73
CA ASN L 95 -5.46 -14.18 16.23
C ASN L 95 -4.61 -13.15 16.99
N ILE L 96 -5.09 -12.77 18.17
CA ILE L 96 -4.49 -11.63 18.86
C ILE L 96 -3.21 -12.05 19.56
N ILE L 97 -2.33 -11.08 19.75
CA ILE L 97 -0.99 -11.30 20.29
C ILE L 97 -1.03 -10.95 21.79
N PRO L 98 -0.95 -11.93 22.69
CA PRO L 98 -0.92 -11.61 24.13
C PRO L 98 0.25 -10.69 24.43
N GLY L 99 0.02 -9.73 25.32
CA GLY L 99 0.97 -8.68 25.60
C GLY L 99 0.73 -7.39 24.84
N SER L 100 -0.09 -7.41 23.80
CA SER L 100 -0.34 -6.22 23.00
C SER L 100 -1.62 -5.50 23.41
N GLY L 101 -2.31 -6.00 24.43
CA GLY L 101 -3.67 -5.54 24.71
C GLY L 101 -3.68 -4.19 25.43
N THR L 102 -4.71 -3.43 25.13
CA THR L 102 -5.00 -2.19 25.84
C THR L 102 -6.50 -2.11 26.08
N ALA L 103 -6.88 -1.26 27.03
CA ALA L 103 -8.30 -1.10 27.34
C ALA L 103 -8.55 0.28 27.93
N VAL L 104 -9.71 0.85 27.60
CA VAL L 104 -10.23 2.05 28.23
C VAL L 104 -11.73 1.84 28.46
N ARG L 105 -12.25 2.45 29.52
CA ARG L 105 -13.68 2.35 29.81
C ARG L 105 -14.11 3.58 30.59
N SER L 106 -15.11 4.28 30.08
CA SER L 106 -15.78 5.33 30.82
C SER L 106 -17.20 4.88 31.13
N ASN L 107 -17.57 4.86 32.40
CA ASN L 107 -18.92 4.51 32.81
C ASN L 107 -19.92 5.62 32.60
N VAL L 108 -19.47 6.85 32.33
CA VAL L 108 -20.31 8.04 32.35
C VAL L 108 -19.95 8.92 31.16
N ILE L 109 -20.66 10.06 31.03
CA ILE L 109 -20.56 10.91 29.85
C ILE L 109 -19.42 11.95 29.84
N GLY L 110 -18.80 12.24 30.99
CA GLY L 110 -17.89 13.36 31.08
C GLY L 110 -16.58 13.30 30.32
N THR L 111 -16.34 12.25 29.53
CA THR L 111 -15.01 11.97 29.02
C THR L 111 -14.95 12.11 27.50
N GLY L 112 -14.13 13.03 27.03
CA GLY L 112 -13.87 13.16 25.61
C GLY L 112 -12.75 12.24 25.15
N GLU L 113 -11.71 12.81 24.55
CA GLU L 113 -10.59 12.01 24.06
C GLU L 113 -9.70 11.53 25.19
N VAL L 114 -9.32 10.26 25.12
CA VAL L 114 -8.27 9.68 25.95
C VAL L 114 -7.17 9.17 25.03
N ASP L 115 -6.00 8.94 25.61
CA ASP L 115 -4.89 8.38 24.85
C ASP L 115 -4.61 6.93 25.24
N VAL L 116 -4.30 6.12 24.24
CA VAL L 116 -3.85 4.75 24.41
C VAL L 116 -2.54 4.57 23.66
N SER L 117 -1.59 3.87 24.28
CA SER L 117 -0.45 3.29 23.56
C SER L 117 -0.23 1.86 24.06
N SER L 118 0.05 0.96 23.13
CA SER L 118 0.51 -0.36 23.54
C SER L 118 1.92 -0.26 24.10
N GLY L 119 2.37 -1.32 24.74
CA GLY L 119 3.79 -1.49 24.97
C GLY L 119 4.55 -1.61 23.65
N VAL L 120 5.87 -1.48 23.77
CA VAL L 120 6.77 -1.82 22.66
C VAL L 120 6.94 -3.33 22.68
N ILE L 121 6.13 -4.03 21.91
CA ILE L 121 6.09 -5.49 21.94
C ILE L 121 7.25 -6.05 21.14
N LEU L 122 8.05 -6.90 21.78
CA LEU L 122 9.16 -7.59 21.12
C LEU L 122 8.70 -8.99 20.74
N ILE L 123 8.85 -9.34 19.46
CA ILE L 123 8.20 -10.53 18.92
C ILE L 123 8.98 -11.06 17.72
N ASN L 124 9.10 -12.37 17.65
CA ASN L 124 9.57 -13.06 16.46
C ASN L 124 8.47 -13.04 15.39
N LEU L 125 8.79 -12.52 14.21
CA LEU L 125 7.83 -12.50 13.11
C LEU L 125 8.47 -13.12 11.88
N ASN L 126 7.62 -13.44 10.91
CA ASN L 126 7.99 -14.27 9.77
C ASN L 126 7.39 -13.71 8.50
N PRO L 127 8.00 -13.97 7.35
CA PRO L 127 7.46 -13.47 6.09
C PRO L 127 6.01 -13.87 5.91
N GLY L 128 5.19 -12.90 5.51
CA GLY L 128 3.77 -13.08 5.33
C GLY L 128 2.94 -12.62 6.51
N ASP L 129 3.55 -12.45 7.69
CA ASP L 129 2.79 -12.04 8.87
C ASP L 129 2.17 -10.66 8.63
N LEU L 130 0.87 -10.56 8.87
CA LEU L 130 0.13 -9.32 8.71
C LEU L 130 -0.22 -8.81 10.11
N ILE L 131 0.32 -7.65 10.47
CA ILE L 131 0.11 -7.04 11.77
C ILE L 131 -0.97 -5.97 11.63
N GLN L 132 -2.01 -6.07 12.45
CA GLN L 132 -3.11 -5.13 12.37
C GLN L 132 -3.57 -4.78 13.78
N ILE L 133 -4.22 -3.63 13.91
CA ILE L 133 -4.81 -3.22 15.18
C ILE L 133 -6.29 -3.56 15.14
N VAL L 134 -6.76 -4.35 16.11
CA VAL L 134 -8.16 -4.78 16.11
C VAL L 134 -8.83 -4.54 17.45
N PRO L 135 -10.04 -3.98 17.47
CA PRO L 135 -10.84 -3.98 18.70
C PRO L 135 -11.44 -5.37 18.88
N VAL L 136 -11.33 -5.91 20.08
CA VAL L 136 -11.85 -7.24 20.38
C VAL L 136 -13.05 -7.21 21.31
N GLN L 137 -13.33 -6.07 21.92
CA GLN L 137 -14.54 -5.92 22.72
C GLN L 137 -14.88 -4.44 22.74
N LEU L 138 -16.16 -4.12 22.59
CA LEU L 138 -16.60 -2.73 22.54
C LEU L 138 -17.88 -2.58 23.35
N ILE L 139 -17.99 -1.46 24.06
CA ILE L 139 -19.23 -1.07 24.72
C ILE L 139 -19.57 0.35 24.24
N GLY L 140 -20.77 0.50 23.69
CA GLY L 140 -21.17 1.78 23.15
C GLY L 140 -20.40 2.10 21.88
N THR L 141 -20.45 3.36 21.48
CA THR L 141 -19.81 3.79 20.25
C THR L 141 -18.45 4.40 20.60
N VAL L 142 -17.40 3.88 19.97
CA VAL L 142 -16.02 4.23 20.32
C VAL L 142 -15.36 4.82 19.09
N ASP L 143 -14.92 6.08 19.19
CA ASP L 143 -14.48 6.87 18.06
C ASP L 143 -12.95 6.98 18.06
N ILE L 144 -12.31 6.32 17.08
CA ILE L 144 -10.84 6.37 16.93
C ILE L 144 -10.52 7.64 16.15
N ARG L 145 -10.12 8.69 16.87
CA ARG L 145 -9.79 9.96 16.23
C ARG L 145 -8.49 9.88 15.44
N ALA L 146 -7.53 9.07 15.88
CA ALA L 146 -6.30 8.83 15.14
C ALA L 146 -5.70 7.52 15.59
N ALA L 147 -4.78 7.00 14.78
CA ALA L 147 -4.13 5.73 15.07
C ALA L 147 -2.82 5.66 14.30
N ALA L 148 -1.89 4.87 14.84
CA ALA L 148 -0.66 4.60 14.11
C ALA L 148 -0.13 3.23 14.53
N LEU L 149 0.44 2.52 13.57
CA LEU L 149 1.10 1.24 13.77
C LEU L 149 2.57 1.37 13.42
N THR L 150 3.45 0.76 14.24
CA THR L 150 4.91 0.84 14.05
C THR L 150 5.52 -0.56 14.05
N VAL L 151 6.33 -0.85 13.03
CA VAL L 151 7.05 -2.10 12.91
C VAL L 151 8.51 -1.76 12.62
N ALA L 152 9.42 -2.33 13.41
CA ALA L 152 10.84 -2.07 13.17
C ALA L 152 11.64 -3.27 13.62
N GLN L 153 12.48 -3.78 12.74
CA GLN L 153 13.25 -4.97 13.05
C GLN L 153 14.33 -4.67 14.07
N ILE L 154 14.49 -5.58 15.02
CA ILE L 154 15.52 -5.49 16.05
C ILE L 154 16.70 -6.39 15.70
N SER L 155 16.42 -7.63 15.34
CA SER L 155 17.44 -8.64 15.06
C SER L 155 16.96 -9.57 13.96
#